data_8DQM
#
_entry.id   8DQM
#
_cell.length_a   62.222
_cell.length_b   154.593
_cell.length_c   197.911
_cell.angle_alpha   90.00
_cell.angle_beta   90.00
_cell.angle_gamma   90.00
#
_symmetry.space_group_name_H-M   'P 21 21 21'
#
loop_
_entity.id
_entity.type
_entity.pdbx_description
1 polymer 'Isoaspartyl aminopeptidase'
2 polymer 'Isoaspartyl aminopeptidase'
3 non-polymer 'SODIUM ION'
4 water water
#
loop_
_entity_poly.entity_id
_entity_poly.type
_entity_poly.pdbx_seq_one_letter_code
_entity_poly.pdbx_strand_id
1 'polypeptide(L)'
;MSKTSGYSLAIHGGAGVLPRERMTAEREAATHAALGRVLSAGEAVLSGGGSALDAVTEAVAALEDEPLFNAGRGAVFTRD
GKHEMDAAVMVGRDRSAGAVAGICGPRNPVRLARAVMERTSHVLMIGEGALGIARDAGLAFEDDAYFFTQERWDSLQETL
RMEQSGELDDDPARRHG
;
A,C,E,G
2 'polypeptide(L)'
;TVGAVARDAEGRLAAATSTGGMTAKRAGRVGDSPVIGAGTFADDGTCAISATGDGEAFLRLSVAHEIDARMRLRGESLRS
AAEAVIGSDLEAIGGSGGLIAIDRDGAIVTPYNCEGMYRGWVLGSGERETAIYENLYFQ
;
B,D,F,H
#
# COMPACT_ATOMS: atom_id res chain seq x y z
N GLY A 6 -32.71 -27.48 -44.70
CA GLY A 6 -33.27 -26.11 -44.88
C GLY A 6 -33.05 -25.25 -43.66
N TYR A 7 -33.23 -23.93 -43.80
CA TYR A 7 -32.94 -22.94 -42.73
C TYR A 7 -33.97 -23.09 -41.61
N SER A 8 -33.66 -22.56 -40.44
CA SER A 8 -34.59 -22.42 -39.29
C SER A 8 -34.19 -21.21 -38.45
N LEU A 9 -35.14 -20.68 -37.69
CA LEU A 9 -34.97 -19.51 -36.79
C LEU A 9 -35.74 -19.81 -35.51
N ALA A 10 -35.16 -19.54 -34.35
CA ALA A 10 -35.85 -19.53 -33.05
C ALA A 10 -35.67 -18.15 -32.41
N ILE A 11 -36.64 -17.70 -31.63
CA ILE A 11 -36.65 -16.34 -31.00
C ILE A 11 -37.18 -16.47 -29.58
N HIS A 12 -36.97 -15.45 -28.75
CA HIS A 12 -37.64 -15.30 -27.44
C HIS A 12 -37.78 -13.81 -27.15
N GLY A 13 -38.72 -13.45 -26.29
CA GLY A 13 -38.94 -12.07 -25.83
C GLY A 13 -38.83 -12.00 -24.34
N GLY A 14 -38.18 -13.00 -23.76
CA GLY A 14 -37.80 -13.02 -22.33
C GLY A 14 -38.57 -14.07 -21.54
N ALA A 15 -37.98 -14.48 -20.42
CA ALA A 15 -38.54 -15.46 -19.47
C ALA A 15 -39.36 -14.73 -18.40
N GLY A 16 -39.34 -13.39 -18.41
CA GLY A 16 -40.04 -12.58 -17.39
C GLY A 16 -41.51 -12.46 -17.73
N VAL A 17 -42.18 -13.58 -18.00
CA VAL A 17 -43.55 -13.61 -18.57
C VAL A 17 -44.53 -13.24 -17.46
N LEU A 18 -45.69 -12.72 -17.84
CA LEU A 18 -46.86 -12.53 -16.93
C LEU A 18 -47.38 -13.90 -16.55
N PRO A 19 -47.67 -14.17 -15.26
CA PRO A 19 -48.21 -15.48 -14.84
C PRO A 19 -49.53 -15.79 -15.57
N ARG A 20 -49.76 -17.05 -15.91
CA ARG A 20 -50.92 -17.49 -16.72
C ARG A 20 -52.23 -16.97 -16.13
N GLU A 21 -52.39 -17.05 -14.81
CA GLU A 21 -53.66 -16.66 -14.12
C GLU A 21 -53.93 -15.14 -14.28
N ARG A 22 -52.92 -14.35 -14.65
CA ARG A 22 -53.05 -12.87 -14.80
C ARG A 22 -53.06 -12.48 -16.28
N MET A 23 -52.77 -13.44 -17.17
CA MET A 23 -52.67 -13.22 -18.64
C MET A 23 -54.10 -13.22 -19.20
N THR A 24 -54.51 -12.09 -19.79
CA THR A 24 -55.81 -11.93 -20.49
C THR A 24 -55.72 -12.52 -21.92
N ALA A 25 -56.86 -12.80 -22.53
CA ALA A 25 -56.95 -13.39 -23.89
C ALA A 25 -56.46 -12.36 -24.93
N GLU A 26 -56.70 -11.06 -24.66
CA GLU A 26 -56.33 -9.93 -25.55
C GLU A 26 -54.81 -9.79 -25.55
N ARG A 27 -54.21 -9.81 -24.35
CA ARG A 27 -52.74 -9.65 -24.17
C ARG A 27 -52.03 -10.87 -24.75
N GLU A 28 -52.57 -12.07 -24.51
CA GLU A 28 -52.05 -13.34 -25.05
C GLU A 28 -51.99 -13.23 -26.57
N ALA A 29 -53.08 -12.78 -27.18
CA ALA A 29 -53.22 -12.63 -28.66
C ALA A 29 -52.22 -11.61 -29.15
N ALA A 30 -52.12 -10.45 -28.46
CA ALA A 30 -51.20 -9.35 -28.79
C ALA A 30 -49.76 -9.89 -28.78
N THR A 31 -49.43 -10.69 -27.75
CA THR A 31 -48.08 -11.26 -27.53
C THR A 31 -47.72 -12.19 -28.68
N HIS A 32 -48.62 -13.10 -29.05
CA HIS A 32 -48.40 -14.08 -30.15
C HIS A 32 -48.29 -13.35 -31.48
N ALA A 33 -49.00 -12.22 -31.61
CA ALA A 33 -48.97 -11.38 -32.84
C ALA A 33 -47.57 -10.78 -33.01
N ALA A 34 -47.06 -10.16 -31.93
CA ALA A 34 -45.70 -9.59 -31.83
C ALA A 34 -44.65 -10.65 -32.19
N LEU A 35 -44.71 -11.83 -31.55
CA LEU A 35 -43.77 -12.94 -31.82
C LEU A 35 -43.86 -13.34 -33.30
N GLY A 36 -45.08 -13.34 -33.87
CA GLY A 36 -45.33 -13.70 -35.27
C GLY A 36 -44.64 -12.75 -36.23
N ARG A 37 -44.72 -11.45 -35.92
CA ARG A 37 -44.10 -10.37 -36.72
C ARG A 37 -42.58 -10.52 -36.72
N VAL A 38 -42.03 -10.85 -35.54
CA VAL A 38 -40.58 -11.10 -35.35
C VAL A 38 -40.16 -12.28 -36.22
N LEU A 39 -40.88 -13.41 -36.15
CA LEU A 39 -40.53 -14.63 -36.94
C LEU A 39 -40.49 -14.26 -38.43
N SER A 40 -41.44 -13.45 -38.88
CA SER A 40 -41.57 -13.01 -40.29
C SER A 40 -40.34 -12.20 -40.71
N ALA A 41 -39.91 -11.26 -39.85
CA ALA A 41 -38.71 -10.42 -40.07
C ALA A 41 -37.48 -11.30 -40.32
N GLY A 42 -37.25 -12.30 -39.48
CA GLY A 42 -36.11 -13.23 -39.60
C GLY A 42 -36.31 -14.21 -40.74
N GLU A 43 -37.56 -14.64 -40.98
CA GLU A 43 -37.92 -15.61 -42.05
C GLU A 43 -37.61 -14.99 -43.42
N ALA A 44 -38.06 -13.74 -43.60
CA ALA A 44 -37.85 -12.96 -44.84
C ALA A 44 -36.37 -12.99 -45.22
N VAL A 45 -35.49 -12.80 -44.25
CA VAL A 45 -34.01 -12.75 -44.46
C VAL A 45 -33.54 -14.12 -44.95
N LEU A 46 -33.82 -15.17 -44.19
CA LEU A 46 -33.36 -16.56 -44.50
C LEU A 46 -33.95 -17.00 -45.85
N SER A 47 -35.25 -16.76 -46.04
CA SER A 47 -36.01 -17.05 -47.29
C SER A 47 -35.30 -16.39 -48.48
N GLY A 48 -34.88 -15.14 -48.34
CA GLY A 48 -34.18 -14.37 -49.38
C GLY A 48 -32.72 -14.77 -49.55
N GLY A 49 -32.26 -15.83 -48.86
CA GLY A 49 -30.87 -16.35 -48.95
C GLY A 49 -29.88 -15.53 -48.15
N GLY A 50 -30.35 -14.75 -47.17
CA GLY A 50 -29.49 -13.95 -46.28
C GLY A 50 -28.74 -14.83 -45.29
N SER A 51 -27.82 -14.24 -44.54
CA SER A 51 -26.94 -14.94 -43.56
C SER A 51 -27.75 -15.23 -42.28
N ALA A 52 -27.27 -16.18 -41.48
CA ALA A 52 -27.76 -16.44 -40.11
C ALA A 52 -27.61 -15.15 -39.28
N LEU A 53 -26.53 -14.39 -39.51
CA LEU A 53 -26.25 -13.12 -38.78
C LEU A 53 -27.35 -12.09 -39.10
N ASP A 54 -27.66 -11.91 -40.39
CA ASP A 54 -28.74 -11.00 -40.86
C ASP A 54 -30.07 -11.41 -40.21
N ALA A 55 -30.35 -12.73 -40.17
CA ALA A 55 -31.60 -13.31 -39.63
C ALA A 55 -31.77 -12.92 -38.16
N VAL A 56 -30.77 -13.16 -37.33
CA VAL A 56 -30.84 -12.92 -35.86
C VAL A 56 -30.80 -11.42 -35.57
N THR A 57 -30.07 -10.66 -36.38
CA THR A 57 -30.02 -9.18 -36.27
C THR A 57 -31.42 -8.62 -36.51
N GLU A 58 -32.06 -9.00 -37.63
CA GLU A 58 -33.39 -8.47 -38.06
C GLU A 58 -34.47 -8.92 -37.07
N ALA A 59 -34.45 -10.20 -36.68
CA ALA A 59 -35.34 -10.77 -35.64
C ALA A 59 -35.22 -9.96 -34.35
N VAL A 60 -34.00 -9.71 -33.87
CA VAL A 60 -33.78 -9.03 -32.56
C VAL A 60 -34.16 -7.56 -32.69
N ALA A 61 -33.89 -6.93 -33.84
CA ALA A 61 -34.32 -5.54 -34.15
C ALA A 61 -35.86 -5.46 -34.07
N ALA A 62 -36.57 -6.47 -34.59
CA ALA A 62 -38.04 -6.59 -34.50
C ALA A 62 -38.49 -6.68 -33.03
N LEU A 63 -37.83 -7.53 -32.24
CA LEU A 63 -38.13 -7.71 -30.79
C LEU A 63 -37.87 -6.39 -30.04
N GLU A 64 -36.86 -5.64 -30.47
CA GLU A 64 -36.52 -4.31 -29.89
C GLU A 64 -37.68 -3.36 -30.20
N ASP A 65 -38.21 -3.44 -31.42
CA ASP A 65 -39.26 -2.51 -31.93
C ASP A 65 -40.61 -2.79 -31.25
N GLU A 66 -40.88 -4.05 -30.88
CA GLU A 66 -42.13 -4.51 -30.21
C GLU A 66 -42.15 -4.06 -28.75
N PRO A 67 -43.12 -3.22 -28.32
CA PRO A 67 -43.12 -2.65 -26.96
C PRO A 67 -43.47 -3.66 -25.84
N LEU A 68 -43.95 -4.86 -26.20
CA LEU A 68 -44.30 -5.91 -25.21
C LEU A 68 -43.03 -6.55 -24.66
N PHE A 69 -41.87 -6.36 -25.30
CA PHE A 69 -40.62 -7.09 -24.99
C PHE A 69 -39.56 -6.10 -24.52
N ASN A 70 -38.82 -6.53 -23.49
CA ASN A 70 -37.84 -5.73 -22.71
C ASN A 70 -36.51 -5.67 -23.45
N ALA A 71 -36.50 -4.89 -24.52
CA ALA A 71 -35.35 -4.57 -25.39
C ALA A 71 -35.78 -3.41 -26.30
N GLY A 72 -34.85 -2.52 -26.64
CA GLY A 72 -35.18 -1.27 -27.36
C GLY A 72 -36.42 -0.62 -26.79
N ARG A 73 -37.49 -0.54 -27.57
CA ARG A 73 -38.79 0.07 -27.15
C ARG A 73 -39.50 -0.90 -26.21
N GLY A 74 -39.98 -0.40 -25.07
CA GLY A 74 -40.58 -1.22 -24.00
C GLY A 74 -39.52 -1.80 -23.08
N ALA A 75 -38.28 -1.28 -23.19
CA ALA A 75 -37.16 -1.54 -22.27
C ALA A 75 -37.59 -1.12 -20.86
N VAL A 76 -37.25 -1.93 -19.87
CA VAL A 76 -37.56 -1.64 -18.45
C VAL A 76 -36.75 -0.42 -18.05
N PHE A 77 -37.10 0.18 -16.91
CA PHE A 77 -36.43 1.37 -16.35
C PHE A 77 -35.52 0.98 -15.19
N THR A 78 -34.42 1.71 -15.07
CA THR A 78 -33.50 1.63 -13.92
C THR A 78 -34.12 2.36 -12.73
N ARG A 79 -33.58 2.09 -11.55
CA ARG A 79 -33.95 2.74 -10.28
C ARG A 79 -34.09 4.26 -10.50
N ASP A 80 -33.24 4.86 -11.33
CA ASP A 80 -33.20 6.33 -11.59
C ASP A 80 -34.00 6.68 -12.84
N GLY A 81 -34.95 5.85 -13.25
CA GLY A 81 -35.97 6.18 -14.27
C GLY A 81 -35.39 6.42 -15.66
N LYS A 82 -34.30 5.73 -16.00
CA LYS A 82 -33.65 5.79 -17.34
C LYS A 82 -33.55 4.37 -17.90
N HIS A 83 -33.15 4.24 -19.16
CA HIS A 83 -32.87 2.93 -19.82
C HIS A 83 -31.36 2.74 -19.93
N GLU A 84 -30.90 1.54 -19.60
CA GLU A 84 -29.51 1.07 -19.83
C GLU A 84 -29.64 -0.25 -20.58
N MET A 85 -29.23 -0.27 -21.85
CA MET A 85 -29.54 -1.39 -22.76
C MET A 85 -28.25 -2.08 -23.16
N ASP A 86 -28.24 -3.40 -23.10
CA ASP A 86 -27.09 -4.26 -23.44
C ASP A 86 -27.50 -5.09 -24.65
N ALA A 87 -26.56 -5.47 -25.50
CA ALA A 87 -26.83 -6.30 -26.68
C ALA A 87 -25.55 -6.99 -27.12
N ALA A 88 -25.68 -8.12 -27.82
CA ALA A 88 -24.55 -8.88 -28.39
C ALA A 88 -25.02 -9.64 -29.64
N VAL A 89 -24.11 -9.82 -30.59
CA VAL A 89 -24.24 -10.78 -31.72
C VAL A 89 -23.02 -11.68 -31.65
N MET A 90 -23.12 -12.87 -32.22
CA MET A 90 -21.99 -13.80 -32.36
C MET A 90 -22.25 -14.70 -33.56
N VAL A 91 -21.24 -14.89 -34.39
CA VAL A 91 -21.28 -15.71 -35.63
C VAL A 91 -20.48 -16.98 -35.36
N GLY A 92 -21.10 -18.14 -35.59
CA GLY A 92 -20.53 -19.46 -35.21
C GLY A 92 -19.38 -19.90 -36.09
N ARG A 93 -19.16 -19.28 -37.25
CA ARG A 93 -18.13 -19.70 -38.24
C ARG A 93 -16.74 -19.58 -37.60
N ASP A 94 -16.48 -18.46 -36.93
CA ASP A 94 -15.14 -18.03 -36.45
C ASP A 94 -15.26 -17.54 -35.00
N ARG A 95 -16.40 -17.75 -34.35
CA ARG A 95 -16.76 -17.13 -33.03
C ARG A 95 -16.50 -15.62 -33.04
N SER A 96 -16.67 -14.95 -34.17
CA SER A 96 -16.63 -13.46 -34.24
C SER A 96 -17.86 -12.92 -33.48
N ALA A 97 -17.71 -11.80 -32.79
CA ALA A 97 -18.76 -11.26 -31.89
C ALA A 97 -18.60 -9.75 -31.76
N GLY A 98 -19.70 -9.10 -31.37
CA GLY A 98 -19.73 -7.69 -30.97
C GLY A 98 -20.80 -7.54 -29.91
N ALA A 99 -20.58 -6.65 -28.93
CA ALA A 99 -21.52 -6.46 -27.81
C ALA A 99 -21.39 -5.03 -27.28
N VAL A 100 -22.44 -4.54 -26.63
CA VAL A 100 -22.46 -3.23 -25.94
C VAL A 100 -23.18 -3.40 -24.62
N ALA A 101 -22.93 -2.50 -23.67
CA ALA A 101 -23.60 -2.48 -22.35
C ALA A 101 -23.74 -1.04 -21.85
N GLY A 102 -24.90 -0.73 -21.25
CA GLY A 102 -25.19 0.55 -20.57
C GLY A 102 -25.54 1.68 -21.52
N ILE A 103 -25.98 1.34 -22.73
CA ILE A 103 -26.29 2.21 -23.89
C ILE A 103 -27.71 2.77 -23.77
N CYS A 104 -27.96 3.95 -24.31
CA CYS A 104 -29.32 4.52 -24.50
C CYS A 104 -29.25 5.58 -25.60
N GLY A 105 -30.15 5.49 -26.58
CA GLY A 105 -30.21 6.39 -27.74
C GLY A 105 -30.34 5.58 -29.03
N PRO A 106 -29.39 4.68 -29.34
CA PRO A 106 -29.51 3.82 -30.51
C PRO A 106 -30.87 3.13 -30.48
N ARG A 107 -31.64 3.27 -31.56
CA ARG A 107 -33.00 2.72 -31.72
C ARG A 107 -32.94 1.19 -31.56
N ASN A 108 -31.89 0.57 -32.10
CA ASN A 108 -31.73 -0.90 -32.18
C ASN A 108 -30.36 -1.31 -31.65
N PRO A 109 -30.19 -1.40 -30.31
CA PRO A 109 -28.91 -1.79 -29.71
C PRO A 109 -28.24 -2.97 -30.44
N VAL A 110 -29.00 -3.96 -30.90
CA VAL A 110 -28.42 -5.17 -31.55
C VAL A 110 -27.65 -4.73 -32.80
N ARG A 111 -28.10 -3.67 -33.49
CA ARG A 111 -27.41 -3.16 -34.71
C ARG A 111 -26.08 -2.49 -34.31
N LEU A 112 -26.01 -1.92 -33.10
CA LEU A 112 -24.74 -1.39 -32.54
C LEU A 112 -23.81 -2.55 -32.19
N ALA A 113 -24.30 -3.54 -31.45
CA ALA A 113 -23.53 -4.77 -31.13
C ALA A 113 -22.90 -5.30 -32.42
N ARG A 114 -23.65 -5.33 -33.50
CA ARG A 114 -23.16 -5.83 -34.81
C ARG A 114 -22.13 -4.86 -35.39
N ALA A 115 -22.37 -3.55 -35.27
CA ALA A 115 -21.44 -2.50 -35.76
C ALA A 115 -20.08 -2.67 -35.06
N VAL A 116 -20.09 -2.95 -33.75
CA VAL A 116 -18.87 -3.24 -32.96
C VAL A 116 -18.13 -4.42 -33.62
N MET A 117 -18.80 -5.56 -33.82
CA MET A 117 -18.16 -6.75 -34.43
C MET A 117 -17.52 -6.38 -35.77
N GLU A 118 -18.24 -5.63 -36.62
CA GLU A 118 -17.88 -5.48 -38.05
C GLU A 118 -16.89 -4.34 -38.26
N ARG A 119 -16.93 -3.31 -37.40
CA ARG A 119 -16.15 -2.07 -37.58
C ARG A 119 -14.90 -2.03 -36.69
N THR A 120 -14.87 -2.80 -35.60
CA THR A 120 -13.74 -2.84 -34.64
C THR A 120 -13.22 -4.27 -34.54
N SER A 121 -12.09 -4.42 -33.84
CA SER A 121 -11.45 -5.69 -33.48
C SER A 121 -11.90 -6.13 -32.08
N HIS A 122 -12.84 -5.41 -31.46
CA HIS A 122 -13.36 -5.63 -30.09
C HIS A 122 -14.64 -6.49 -30.12
N VAL A 123 -14.94 -7.15 -29.00
CA VAL A 123 -16.16 -8.01 -28.84
C VAL A 123 -17.03 -7.45 -27.71
N LEU A 124 -16.65 -6.34 -27.10
CA LEU A 124 -17.49 -5.69 -26.05
C LEU A 124 -17.05 -4.24 -25.89
N MET A 125 -18.00 -3.30 -25.90
CA MET A 125 -17.72 -1.85 -25.72
C MET A 125 -18.81 -1.21 -24.89
N ILE A 126 -18.46 -0.17 -24.13
CA ILE A 126 -19.38 0.49 -23.17
C ILE A 126 -19.31 2.01 -23.34
N GLY A 127 -20.26 2.71 -22.71
CA GLY A 127 -20.32 4.18 -22.62
C GLY A 127 -20.20 4.87 -23.96
N GLU A 128 -19.51 6.01 -23.98
CA GLU A 128 -19.46 6.96 -25.11
C GLU A 128 -18.69 6.34 -26.28
N GLY A 129 -17.73 5.46 -26.00
CA GLY A 129 -16.98 4.76 -27.05
C GLY A 129 -17.90 3.93 -27.92
N ALA A 130 -18.86 3.24 -27.28
CA ALA A 130 -19.90 2.41 -27.94
C ALA A 130 -20.80 3.31 -28.79
N LEU A 131 -21.25 4.44 -28.25
CA LEU A 131 -22.12 5.40 -28.96
C LEU A 131 -21.37 6.00 -30.17
N GLY A 132 -20.07 6.21 -30.04
CA GLY A 132 -19.22 6.72 -31.13
C GLY A 132 -19.25 5.78 -32.32
N ILE A 133 -19.32 4.46 -32.08
CA ILE A 133 -19.38 3.43 -33.16
C ILE A 133 -20.76 3.49 -33.83
N ALA A 134 -21.82 3.64 -33.04
CA ALA A 134 -23.20 3.82 -33.51
C ALA A 134 -23.21 4.95 -34.55
N ARG A 135 -22.66 6.11 -34.17
CA ARG A 135 -22.64 7.33 -35.00
C ARG A 135 -21.84 7.06 -36.27
N ASP A 136 -20.67 6.45 -36.14
CA ASP A 136 -19.82 6.06 -37.29
C ASP A 136 -20.62 5.17 -38.24
N ALA A 137 -21.35 4.21 -37.69
CA ALA A 137 -22.11 3.19 -38.46
C ALA A 137 -23.40 3.80 -39.00
N GLY A 138 -23.71 5.05 -38.62
CA GLY A 138 -24.88 5.81 -39.08
C GLY A 138 -26.18 5.22 -38.55
N LEU A 139 -26.12 4.57 -37.39
CA LEU A 139 -27.31 3.89 -36.79
C LEU A 139 -28.30 4.96 -36.33
N ALA A 140 -29.58 4.60 -36.28
CA ALA A 140 -30.69 5.50 -35.88
C ALA A 140 -30.66 5.71 -34.37
N PHE A 141 -30.75 6.96 -33.93
CA PHE A 141 -30.97 7.35 -32.52
C PHE A 141 -32.41 7.80 -32.34
N GLU A 142 -32.95 7.59 -31.15
CA GLU A 142 -34.32 7.98 -30.75
C GLU A 142 -34.25 8.72 -29.41
N ASP A 143 -35.26 9.53 -29.15
CA ASP A 143 -35.47 10.23 -27.87
C ASP A 143 -35.98 9.22 -26.83
N ASP A 144 -35.96 9.62 -25.57
CA ASP A 144 -36.32 8.78 -24.39
C ASP A 144 -37.80 8.37 -24.48
N ALA A 145 -38.61 9.23 -25.11
CA ALA A 145 -40.07 9.04 -25.29
C ALA A 145 -40.30 7.80 -26.15
N TYR A 146 -39.55 7.62 -27.24
CA TYR A 146 -39.69 6.45 -28.16
C TYR A 146 -39.64 5.15 -27.37
N PHE A 147 -38.69 5.04 -26.42
CA PHE A 147 -38.40 3.80 -25.65
C PHE A 147 -39.43 3.61 -24.53
N PHE A 148 -39.94 4.74 -24.03
CA PHE A 148 -40.92 4.78 -22.91
C PHE A 148 -42.17 3.98 -23.31
N THR A 149 -42.65 3.14 -22.39
CA THR A 149 -43.99 2.52 -22.42
C THR A 149 -44.60 2.66 -21.03
N GLN A 150 -45.86 3.07 -20.95
CA GLN A 150 -46.54 3.38 -19.67
C GLN A 150 -46.42 2.18 -18.72
N GLU A 151 -46.58 0.95 -19.21
CA GLU A 151 -46.60 -0.28 -18.38
C GLU A 151 -45.26 -0.44 -17.64
N ARG A 152 -44.15 -0.22 -18.36
CA ARG A 152 -42.80 -0.35 -17.76
C ARG A 152 -42.62 0.73 -16.72
N TRP A 153 -43.05 1.96 -17.02
CA TRP A 153 -42.95 3.11 -16.10
C TRP A 153 -43.70 2.79 -14.81
N ASP A 154 -44.93 2.27 -14.92
CA ASP A 154 -45.80 1.90 -13.78
C ASP A 154 -45.14 0.73 -13.02
N SER A 155 -44.53 -0.21 -13.76
CA SER A 155 -43.80 -1.37 -13.19
C SER A 155 -42.70 -0.86 -12.25
N LEU A 156 -41.94 0.14 -12.68
CA LEU A 156 -40.85 0.77 -11.89
C LEU A 156 -41.44 1.39 -10.61
N GLN A 157 -42.45 2.26 -10.79
CA GLN A 157 -43.05 3.06 -9.68
C GLN A 157 -43.62 2.09 -8.65
N GLU A 158 -44.31 1.04 -9.10
CA GLU A 158 -44.86 -0.03 -8.23
C GLU A 158 -43.71 -0.76 -7.55
N THR A 159 -42.68 -1.17 -8.31
CA THR A 159 -41.51 -1.92 -7.77
C THR A 159 -40.82 -1.09 -6.67
N LEU A 160 -40.62 0.21 -6.92
CA LEU A 160 -39.99 1.15 -5.94
C LEU A 160 -40.88 1.30 -4.70
N ARG A 161 -42.19 1.40 -4.90
CA ARG A 161 -43.19 1.53 -3.81
C ARG A 161 -43.15 0.30 -2.90
N MET A 162 -42.93 -0.89 -3.45
CA MET A 162 -42.94 -2.19 -2.73
C MET A 162 -41.57 -2.47 -2.10
N GLU A 163 -40.64 -1.53 -2.22
CA GLU A 163 -39.36 -1.51 -1.47
C GLU A 163 -39.49 -0.54 -0.29
N GLN A 164 -40.71 -0.02 -0.03
CA GLN A 164 -41.08 0.82 1.15
C GLN A 164 -42.30 0.21 1.85
N THR B 1 -35.30 -8.97 -21.51
CA THR B 1 -34.30 -9.58 -22.42
C THR B 1 -35.01 -10.28 -23.58
N VAL B 2 -34.51 -10.11 -24.80
CA VAL B 2 -35.05 -10.74 -26.04
C VAL B 2 -33.87 -11.36 -26.75
N GLY B 3 -34.09 -12.29 -27.66
CA GLY B 3 -32.99 -12.87 -28.45
C GLY B 3 -33.47 -13.77 -29.58
N ALA B 4 -32.55 -14.18 -30.44
CA ALA B 4 -32.82 -15.03 -31.61
C ALA B 4 -31.56 -15.82 -31.96
N VAL B 5 -31.76 -17.05 -32.42
CA VAL B 5 -30.68 -17.93 -32.92
C VAL B 5 -31.15 -18.44 -34.28
N ALA B 6 -30.25 -18.61 -35.23
CA ALA B 6 -30.60 -19.03 -36.60
C ALA B 6 -29.58 -20.04 -37.11
N ARG B 7 -30.06 -20.93 -37.97
CA ARG B 7 -29.23 -21.86 -38.74
C ARG B 7 -29.58 -21.67 -40.22
N ASP B 8 -28.61 -21.33 -41.07
CA ASP B 8 -28.89 -21.18 -42.52
C ASP B 8 -28.86 -22.57 -43.17
N ALA B 9 -29.11 -22.62 -44.48
CA ALA B 9 -29.25 -23.85 -45.30
C ALA B 9 -27.96 -24.68 -45.27
N GLU B 10 -26.80 -24.02 -45.07
CA GLU B 10 -25.46 -24.66 -45.06
C GLU B 10 -25.08 -25.09 -43.64
N GLY B 11 -25.92 -24.77 -42.65
CA GLY B 11 -25.71 -25.16 -41.25
C GLY B 11 -24.90 -24.15 -40.48
N ARG B 12 -24.70 -22.95 -41.05
CA ARG B 12 -23.99 -21.85 -40.35
C ARG B 12 -24.92 -21.26 -39.28
N LEU B 13 -24.38 -21.05 -38.09
CA LEU B 13 -25.15 -20.58 -36.91
C LEU B 13 -24.78 -19.13 -36.62
N ALA B 14 -25.67 -18.45 -35.91
CA ALA B 14 -25.48 -17.11 -35.35
C ALA B 14 -26.47 -16.98 -34.20
N ALA B 15 -26.19 -16.08 -33.26
CA ALA B 15 -27.08 -15.78 -32.12
C ALA B 15 -27.00 -14.28 -31.88
N ALA B 16 -28.07 -13.70 -31.36
CA ALA B 16 -28.11 -12.28 -30.98
C ALA B 16 -29.02 -12.15 -29.76
N THR B 17 -28.68 -11.21 -28.89
CA THR B 17 -29.43 -10.91 -27.66
C THR B 17 -29.44 -9.40 -27.48
N SER B 18 -30.53 -8.90 -26.95
CA SER B 18 -30.70 -7.46 -26.60
C SER B 18 -31.56 -7.40 -25.36
N THR B 19 -31.35 -6.41 -24.51
CA THR B 19 -32.12 -6.24 -23.26
C THR B 19 -32.16 -4.78 -22.85
N GLY B 20 -33.21 -4.39 -22.15
CA GLY B 20 -33.33 -3.11 -21.45
C GLY B 20 -32.94 -3.29 -20.00
N GLY B 21 -32.59 -4.53 -19.64
CA GLY B 21 -31.99 -4.89 -18.35
C GLY B 21 -33.02 -5.43 -17.39
N MET B 22 -33.30 -4.69 -16.31
CA MET B 22 -34.00 -5.21 -15.11
C MET B 22 -34.71 -4.05 -14.42
N THR B 23 -35.97 -4.23 -14.01
CA THR B 23 -36.79 -3.13 -13.43
C THR B 23 -36.14 -2.69 -12.12
N ALA B 24 -35.97 -1.37 -11.94
CA ALA B 24 -35.39 -0.73 -10.74
C ALA B 24 -33.92 -1.18 -10.55
N LYS B 25 -33.26 -1.55 -11.65
CA LYS B 25 -31.82 -1.93 -11.69
C LYS B 25 -30.97 -0.79 -11.13
N ARG B 26 -29.87 -1.13 -10.47
CA ARG B 26 -28.79 -0.18 -10.08
C ARG B 26 -28.07 0.28 -11.34
N ALA B 27 -27.95 1.59 -11.56
CA ALA B 27 -27.16 2.19 -12.65
C ALA B 27 -25.77 1.57 -12.63
N GLY B 28 -25.34 1.01 -13.77
CA GLY B 28 -24.00 0.42 -13.96
C GLY B 28 -24.04 -1.10 -14.03
N ARG B 29 -25.13 -1.74 -13.59
CA ARG B 29 -25.22 -3.24 -13.52
C ARG B 29 -25.21 -3.78 -14.95
N VAL B 30 -24.35 -4.77 -15.20
CA VAL B 30 -24.24 -5.50 -16.50
C VAL B 30 -24.55 -6.97 -16.21
N GLY B 31 -25.52 -7.54 -16.93
CA GLY B 31 -25.92 -8.94 -16.85
C GLY B 31 -25.21 -9.78 -17.91
N ASP B 32 -25.82 -10.89 -18.28
CA ASP B 32 -25.23 -11.96 -19.14
C ASP B 32 -25.37 -11.63 -20.62
N SER B 33 -26.35 -10.80 -21.01
CA SER B 33 -26.76 -10.63 -22.42
C SER B 33 -25.58 -10.23 -23.30
N PRO B 34 -24.77 -9.21 -22.91
CA PRO B 34 -23.67 -8.73 -23.75
C PRO B 34 -22.33 -9.48 -23.59
N VAL B 35 -22.30 -10.51 -22.76
CA VAL B 35 -21.08 -11.30 -22.42
C VAL B 35 -21.14 -12.63 -23.18
N ILE B 36 -20.36 -12.77 -24.23
CA ILE B 36 -20.31 -14.04 -25.02
C ILE B 36 -19.80 -15.16 -24.10
N GLY B 37 -20.41 -16.34 -24.18
CA GLY B 37 -20.14 -17.47 -23.26
C GLY B 37 -21.04 -17.48 -22.05
N ALA B 38 -21.73 -16.37 -21.75
CA ALA B 38 -22.73 -16.27 -20.66
C ALA B 38 -24.15 -16.31 -21.24
N GLY B 39 -24.62 -15.19 -21.81
CA GLY B 39 -26.00 -14.99 -22.30
C GLY B 39 -26.11 -15.13 -23.82
N THR B 40 -25.03 -14.91 -24.57
CA THR B 40 -25.01 -15.03 -26.05
C THR B 40 -23.88 -15.98 -26.44
N PHE B 41 -24.05 -16.79 -27.47
CA PHE B 41 -23.01 -17.75 -27.90
C PHE B 41 -23.37 -18.36 -29.25
N ALA B 42 -22.35 -18.63 -30.08
CA ALA B 42 -22.50 -19.30 -31.38
C ALA B 42 -21.18 -19.93 -31.80
N ASP B 43 -21.23 -21.23 -32.11
CA ASP B 43 -20.13 -22.01 -32.71
C ASP B 43 -20.76 -23.05 -33.64
N ASP B 44 -20.37 -23.03 -34.92
CA ASP B 44 -20.95 -23.89 -35.99
C ASP B 44 -20.65 -25.35 -35.70
N GLY B 45 -19.71 -25.64 -34.80
CA GLY B 45 -19.35 -27.01 -34.40
C GLY B 45 -20.31 -27.59 -33.37
N THR B 46 -21.12 -26.75 -32.72
CA THR B 46 -22.02 -27.18 -31.61
C THR B 46 -23.41 -26.56 -31.76
N CYS B 47 -23.58 -25.31 -31.32
CA CYS B 47 -24.89 -24.65 -31.17
C CYS B 47 -24.76 -23.12 -31.13
N ALA B 48 -25.89 -22.45 -31.31
CA ALA B 48 -26.09 -21.00 -31.07
C ALA B 48 -27.07 -20.87 -29.90
N ILE B 49 -26.82 -19.94 -28.98
CA ILE B 49 -27.60 -19.79 -27.72
C ILE B 49 -27.90 -18.31 -27.49
N SER B 50 -29.11 -18.01 -27.04
CA SER B 50 -29.52 -16.71 -26.48
C SER B 50 -30.31 -16.97 -25.20
N ALA B 51 -29.85 -16.42 -24.09
CA ALA B 51 -30.41 -16.69 -22.76
C ALA B 51 -31.26 -15.51 -22.29
N THR B 52 -32.12 -15.76 -21.31
CA THR B 52 -32.89 -14.75 -20.55
C THR B 52 -33.06 -15.24 -19.11
N GLY B 53 -32.87 -14.36 -18.13
CA GLY B 53 -33.02 -14.68 -16.70
C GLY B 53 -32.04 -13.91 -15.83
N ASP B 54 -31.85 -14.35 -14.59
CA ASP B 54 -31.01 -13.70 -13.56
C ASP B 54 -29.57 -13.65 -14.07
N GLY B 55 -29.19 -12.49 -14.65
CA GLY B 55 -27.90 -12.27 -15.33
C GLY B 55 -26.70 -12.79 -14.53
N GLU B 56 -26.69 -12.56 -13.21
CA GLU B 56 -25.55 -12.93 -12.32
C GLU B 56 -25.35 -14.43 -12.34
N ALA B 57 -26.43 -15.22 -12.22
CA ALA B 57 -26.39 -16.70 -12.25
C ALA B 57 -25.82 -17.18 -13.58
N PHE B 58 -26.22 -16.55 -14.68
CA PHE B 58 -25.80 -16.91 -16.05
C PHE B 58 -24.30 -16.58 -16.23
N LEU B 59 -23.84 -15.48 -15.61
CA LEU B 59 -22.42 -15.05 -15.65
C LEU B 59 -21.56 -16.01 -14.81
N ARG B 60 -22.03 -16.35 -13.59
CA ARG B 60 -21.30 -17.21 -12.61
C ARG B 60 -21.12 -18.63 -13.15
N LEU B 61 -22.12 -19.16 -13.86
CA LEU B 61 -22.12 -20.55 -14.40
C LEU B 61 -21.61 -20.56 -15.84
N SER B 62 -21.46 -19.39 -16.47
CA SER B 62 -21.10 -19.25 -17.92
C SER B 62 -22.01 -20.20 -18.72
N VAL B 63 -23.32 -20.00 -18.60
CA VAL B 63 -24.37 -20.97 -19.02
C VAL B 63 -24.18 -21.34 -20.49
N ALA B 64 -24.09 -20.34 -21.38
CA ALA B 64 -24.00 -20.59 -22.83
C ALA B 64 -22.76 -21.46 -23.11
N HIS B 65 -21.60 -21.10 -22.54
CA HIS B 65 -20.32 -21.83 -22.75
C HIS B 65 -20.40 -23.23 -22.16
N GLU B 66 -20.96 -23.38 -20.95
CA GLU B 66 -21.13 -24.70 -20.28
C GLU B 66 -21.82 -25.66 -21.25
N ILE B 67 -22.86 -25.20 -21.96
CA ILE B 67 -23.66 -26.03 -22.90
C ILE B 67 -22.76 -26.41 -24.09
N ASP B 68 -22.02 -25.45 -24.66
CA ASP B 68 -21.02 -25.69 -25.73
C ASP B 68 -19.96 -26.70 -25.25
N ALA B 69 -19.50 -26.57 -24.00
CA ALA B 69 -18.45 -27.44 -23.40
C ALA B 69 -19.01 -28.86 -23.27
N ARG B 70 -20.23 -29.00 -22.76
CA ARG B 70 -20.85 -30.34 -22.53
C ARG B 70 -21.04 -31.05 -23.86
N MET B 71 -21.42 -30.32 -24.90
CA MET B 71 -21.57 -30.88 -26.27
C MET B 71 -20.20 -31.35 -26.78
N ARG B 72 -19.16 -30.51 -26.64
CA ARG B 72 -17.81 -30.79 -27.21
C ARG B 72 -17.07 -31.86 -26.40
N LEU B 73 -17.12 -31.79 -25.06
CA LEU B 73 -16.20 -32.56 -24.18
C LEU B 73 -16.82 -33.90 -23.80
N ARG B 74 -18.15 -33.97 -23.66
CA ARG B 74 -18.87 -35.22 -23.26
C ARG B 74 -19.71 -35.76 -24.43
N GLY B 75 -19.71 -35.08 -25.59
CA GLY B 75 -20.50 -35.47 -26.76
C GLY B 75 -22.00 -35.41 -26.51
N GLU B 76 -22.45 -34.67 -25.50
CA GLU B 76 -23.90 -34.52 -25.20
C GLU B 76 -24.61 -33.85 -26.37
N SER B 77 -25.91 -34.13 -26.49
CA SER B 77 -26.86 -33.43 -27.38
C SER B 77 -27.14 -32.04 -26.79
N LEU B 78 -27.48 -31.07 -27.65
CA LEU B 78 -27.88 -29.71 -27.22
C LEU B 78 -29.01 -29.82 -26.18
N ARG B 79 -29.97 -30.72 -26.40
CA ARG B 79 -31.16 -30.86 -25.52
C ARG B 79 -30.70 -31.29 -24.12
N SER B 80 -29.89 -32.35 -24.05
CA SER B 80 -29.43 -32.97 -22.79
C SER B 80 -28.69 -31.91 -21.96
N ALA B 81 -27.71 -31.26 -22.59
CA ALA B 81 -26.84 -30.20 -22.01
C ALA B 81 -27.68 -29.01 -21.55
N ALA B 82 -28.46 -28.42 -22.46
CA ALA B 82 -29.24 -27.18 -22.22
C ALA B 82 -30.23 -27.42 -21.08
N GLU B 83 -30.89 -28.58 -21.08
CA GLU B 83 -31.95 -28.92 -20.10
C GLU B 83 -31.32 -29.13 -18.73
N ALA B 84 -30.18 -29.80 -18.69
CA ALA B 84 -29.38 -30.05 -17.46
C ALA B 84 -28.97 -28.71 -16.82
N VAL B 85 -28.42 -27.78 -17.59
CA VAL B 85 -27.88 -26.48 -17.08
C VAL B 85 -29.05 -25.62 -16.58
N ILE B 86 -30.14 -25.48 -17.36
CA ILE B 86 -31.30 -24.63 -16.99
C ILE B 86 -32.12 -25.33 -15.90
N GLY B 87 -32.33 -26.63 -16.04
CA GLY B 87 -33.19 -27.44 -15.15
C GLY B 87 -32.57 -27.63 -13.79
N SER B 88 -31.29 -28.01 -13.74
CA SER B 88 -30.56 -28.44 -12.53
C SER B 88 -29.58 -27.35 -12.06
N ASP B 89 -28.56 -27.03 -12.85
CA ASP B 89 -27.41 -26.17 -12.41
C ASP B 89 -27.94 -24.80 -11.99
N LEU B 90 -28.79 -24.19 -12.83
CA LEU B 90 -29.33 -22.82 -12.64
C LEU B 90 -30.24 -22.83 -11.39
N GLU B 91 -31.01 -23.91 -11.21
CA GLU B 91 -31.91 -24.11 -10.05
C GLU B 91 -31.05 -24.17 -8.78
N ALA B 92 -30.00 -25.01 -8.79
CA ALA B 92 -29.14 -25.31 -7.64
C ALA B 92 -28.58 -24.02 -7.03
N ILE B 93 -28.15 -23.05 -7.85
CA ILE B 93 -27.56 -21.77 -7.33
C ILE B 93 -28.68 -20.73 -7.14
N GLY B 94 -29.95 -21.13 -7.33
CA GLY B 94 -31.14 -20.32 -7.00
C GLY B 94 -31.45 -19.28 -8.08
N GLY B 95 -31.03 -19.52 -9.32
CA GLY B 95 -31.32 -18.62 -10.46
C GLY B 95 -32.54 -19.05 -11.23
N SER B 96 -33.28 -18.09 -11.80
CA SER B 96 -34.47 -18.28 -12.67
C SER B 96 -34.12 -17.85 -14.09
N GLY B 97 -34.75 -18.48 -15.07
CA GLY B 97 -34.63 -18.07 -16.48
C GLY B 97 -34.67 -19.24 -17.42
N GLY B 98 -34.29 -18.99 -18.67
CA GLY B 98 -34.36 -19.95 -19.79
C GLY B 98 -33.46 -19.51 -20.91
N LEU B 99 -33.67 -20.06 -22.09
CA LEU B 99 -32.62 -20.18 -23.11
C LEU B 99 -33.27 -20.72 -24.39
N ILE B 100 -33.05 -20.06 -25.53
CA ILE B 100 -33.34 -20.67 -26.85
C ILE B 100 -32.00 -21.08 -27.44
N ALA B 101 -31.96 -22.21 -28.11
CA ALA B 101 -30.72 -22.72 -28.71
C ALA B 101 -31.07 -23.61 -29.90
N ILE B 102 -30.22 -23.57 -30.91
CA ILE B 102 -30.32 -24.41 -32.13
C ILE B 102 -28.94 -25.04 -32.34
N ASP B 103 -28.87 -26.36 -32.51
CA ASP B 103 -27.58 -27.05 -32.75
C ASP B 103 -27.25 -26.97 -34.25
N ARG B 104 -26.11 -27.53 -34.65
CA ARG B 104 -25.54 -27.44 -36.02
C ARG B 104 -26.37 -28.28 -37.01
N ASP B 105 -27.20 -29.20 -36.51
CA ASP B 105 -28.09 -30.07 -37.33
C ASP B 105 -29.52 -29.52 -37.34
N GLY B 106 -29.79 -28.43 -36.62
CA GLY B 106 -31.07 -27.69 -36.68
C GLY B 106 -32.02 -28.03 -35.55
N ALA B 107 -31.65 -28.94 -34.64
CA ALA B 107 -32.46 -29.24 -33.43
C ALA B 107 -32.65 -27.96 -32.63
N ILE B 108 -33.89 -27.58 -32.34
CA ILE B 108 -34.22 -26.39 -31.51
C ILE B 108 -34.68 -26.86 -30.13
N VAL B 109 -34.13 -26.26 -29.08
CA VAL B 109 -34.55 -26.47 -27.66
C VAL B 109 -34.78 -25.09 -27.04
N THR B 110 -35.80 -24.97 -26.19
CA THR B 110 -36.20 -23.70 -25.54
C THR B 110 -36.54 -23.99 -24.07
N PRO B 111 -35.59 -24.54 -23.28
CA PRO B 111 -35.81 -24.80 -21.88
C PRO B 111 -35.88 -23.52 -21.04
N TYR B 112 -36.70 -23.54 -19.99
CA TYR B 112 -36.84 -22.47 -18.98
C TYR B 112 -37.33 -23.14 -17.69
N ASN B 113 -37.02 -22.57 -16.53
CA ASN B 113 -37.33 -23.17 -15.21
C ASN B 113 -38.33 -22.28 -14.45
N CYS B 114 -38.94 -21.32 -15.16
CA CYS B 114 -39.82 -20.26 -14.58
C CYS B 114 -41.22 -20.35 -15.20
N GLU B 115 -42.09 -19.38 -14.90
CA GLU B 115 -43.53 -19.38 -15.27
C GLU B 115 -43.70 -19.66 -16.78
N GLY B 116 -42.86 -19.02 -17.60
CA GLY B 116 -42.97 -19.09 -19.07
C GLY B 116 -41.82 -18.39 -19.74
N MET B 117 -41.85 -18.38 -21.07
CA MET B 117 -40.86 -17.65 -21.91
C MET B 117 -41.49 -17.40 -23.29
N TYR B 118 -41.81 -16.13 -23.56
CA TYR B 118 -42.31 -15.66 -24.87
C TYR B 118 -41.32 -16.19 -25.92
N ARG B 119 -41.76 -16.97 -26.89
CA ARG B 119 -40.82 -17.64 -27.81
C ARG B 119 -41.54 -18.11 -29.07
N GLY B 120 -40.76 -18.46 -30.09
CA GLY B 120 -41.29 -19.10 -31.31
C GLY B 120 -40.17 -19.62 -32.19
N TRP B 121 -40.54 -20.30 -33.27
CA TRP B 121 -39.60 -20.75 -34.32
C TRP B 121 -40.32 -20.83 -35.64
N VAL B 122 -39.59 -20.65 -36.74
CA VAL B 122 -40.09 -20.79 -38.13
C VAL B 122 -39.05 -21.59 -38.90
N LEU B 123 -39.48 -22.57 -39.70
CA LEU B 123 -38.57 -23.47 -40.45
C LEU B 123 -38.56 -23.05 -41.93
N GLY B 124 -37.65 -23.62 -42.70
CA GLY B 124 -37.53 -23.42 -44.16
C GLY B 124 -38.73 -24.02 -44.89
N SER B 125 -39.44 -24.95 -44.25
CA SER B 125 -40.71 -25.53 -44.73
C SER B 125 -41.81 -24.46 -44.77
N GLY B 126 -41.68 -23.39 -43.98
CA GLY B 126 -42.74 -22.40 -43.75
C GLY B 126 -43.42 -22.67 -42.41
N GLU B 127 -43.30 -23.91 -41.91
CA GLU B 127 -43.89 -24.37 -40.62
C GLU B 127 -43.46 -23.43 -39.50
N ARG B 128 -44.40 -23.05 -38.62
CA ARG B 128 -44.19 -21.99 -37.60
C ARG B 128 -44.95 -22.34 -36.32
N GLU B 129 -44.48 -21.88 -35.16
CA GLU B 129 -45.19 -21.99 -33.86
C GLU B 129 -44.73 -20.82 -33.00
N THR B 130 -45.57 -20.40 -32.06
CA THR B 130 -45.21 -19.46 -30.97
C THR B 130 -45.74 -20.05 -29.65
N ALA B 131 -45.18 -19.64 -28.52
CA ALA B 131 -45.58 -20.13 -27.19
C ALA B 131 -45.35 -19.04 -26.16
N ILE B 132 -46.00 -19.17 -25.02
CA ILE B 132 -45.74 -18.35 -23.80
C ILE B 132 -45.45 -19.30 -22.65
N TYR B 133 -46.40 -20.20 -22.35
CA TYR B 133 -46.29 -21.27 -21.32
C TYR B 133 -45.84 -22.57 -22.01
N GLU B 134 -46.24 -23.74 -21.49
CA GLU B 134 -45.66 -25.05 -21.90
C GLU B 134 -46.28 -25.50 -23.24
N ASN B 135 -47.45 -24.97 -23.55
CA ASN B 135 -48.29 -25.35 -24.72
C ASN B 135 -48.07 -24.36 -25.88
N LEU B 136 -48.67 -24.64 -27.03
CA LEU B 136 -48.61 -23.79 -28.26
C LEU B 136 -50.03 -23.30 -28.61
N TYR C 7 -0.68 -23.15 2.50
CA TYR C 7 -1.16 -22.11 1.57
C TYR C 7 -0.20 -21.99 0.38
N SER C 8 -0.69 -21.42 -0.72
CA SER C 8 0.11 -21.03 -1.90
C SER C 8 -0.48 -19.76 -2.53
N LEU C 9 0.36 -18.98 -3.19
CA LEU C 9 -0.01 -17.75 -3.93
C LEU C 9 0.77 -17.75 -5.24
N ALA C 10 0.11 -17.47 -6.35
CA ALA C 10 0.74 -17.19 -7.65
C ALA C 10 0.31 -15.78 -8.09
N ILE C 11 1.18 -15.09 -8.81
CA ILE C 11 0.90 -13.70 -9.31
C ILE C 11 1.41 -13.62 -10.75
N HIS C 12 0.94 -12.61 -11.47
CA HIS C 12 1.52 -12.18 -12.76
C HIS C 12 1.40 -10.67 -12.85
N GLY C 13 2.26 -10.07 -13.66
CA GLY C 13 2.25 -8.62 -13.96
C GLY C 13 2.07 -8.42 -15.46
N GLY C 14 1.61 -9.48 -16.14
CA GLY C 14 1.20 -9.43 -17.55
C GLY C 14 2.13 -10.23 -18.44
N ALA C 15 1.60 -10.70 -19.58
CA ALA C 15 2.35 -11.35 -20.67
C ALA C 15 2.84 -10.30 -21.67
N GLY C 16 2.46 -9.03 -21.47
CA GLY C 16 2.97 -7.89 -22.24
C GLY C 16 4.36 -7.50 -21.77
N VAL C 17 5.29 -8.47 -21.77
CA VAL C 17 6.67 -8.30 -21.22
C VAL C 17 7.46 -7.42 -22.18
N LEU C 18 8.49 -6.74 -21.67
CA LEU C 18 9.48 -6.02 -22.48
C LEU C 18 10.31 -7.05 -23.24
N PRO C 19 10.56 -6.85 -24.56
CA PRO C 19 11.35 -7.81 -25.33
C PRO C 19 12.76 -7.99 -24.74
N ARG C 20 13.31 -9.20 -24.81
CA ARG C 20 14.64 -9.56 -24.23
C ARG C 20 15.69 -8.51 -24.65
N GLU C 21 15.74 -8.16 -25.93
CA GLU C 21 16.80 -7.28 -26.50
C GLU C 21 16.68 -5.86 -25.91
N ARG C 22 15.56 -5.49 -25.30
CA ARG C 22 15.35 -4.14 -24.70
C ARG C 22 15.44 -4.24 -23.17
N MET C 23 15.47 -5.45 -22.62
CA MET C 23 15.51 -5.72 -21.16
C MET C 23 16.97 -5.58 -20.72
N THR C 24 17.26 -4.59 -19.87
CA THR C 24 18.61 -4.36 -19.27
C THR C 24 18.69 -5.19 -17.98
N ALA C 25 19.89 -5.33 -17.39
CA ALA C 25 20.10 -6.06 -16.13
C ALA C 25 19.43 -5.31 -14.96
N GLU C 26 19.42 -3.97 -15.04
CA GLU C 26 18.82 -3.06 -14.02
C GLU C 26 17.31 -3.21 -14.04
N ARG C 27 16.70 -3.20 -15.25
CA ARG C 27 15.23 -3.31 -15.45
C ARG C 27 14.79 -4.72 -15.02
N GLU C 28 15.56 -5.75 -15.39
CA GLU C 28 15.28 -7.16 -15.01
C GLU C 28 15.23 -7.24 -13.49
N ALA C 29 16.23 -6.67 -12.82
CA ALA C 29 16.35 -6.66 -11.35
C ALA C 29 15.17 -5.89 -10.75
N ALA C 30 14.85 -4.72 -11.30
CA ALA C 30 13.75 -3.85 -10.85
C ALA C 30 12.44 -4.62 -10.95
N THR C 31 12.25 -5.37 -12.06
CA THR C 31 11.03 -6.17 -12.34
C THR C 31 10.88 -7.26 -11.27
N HIS C 32 11.95 -8.02 -11.01
CA HIS C 32 11.95 -9.12 -10.01
C HIS C 32 11.71 -8.53 -8.61
N ALA C 33 12.19 -7.32 -8.35
CA ALA C 33 12.04 -6.62 -7.05
C ALA C 33 10.56 -6.30 -6.83
N ALA C 34 9.91 -5.70 -7.84
CA ALA C 34 8.46 -5.37 -7.85
C ALA C 34 7.64 -6.64 -7.61
N LEU C 35 7.90 -7.72 -8.38
CA LEU C 35 7.20 -9.01 -8.21
C LEU C 35 7.42 -9.54 -6.80
N GLY C 36 8.62 -9.35 -6.24
CA GLY C 36 8.97 -9.81 -4.88
C GLY C 36 8.14 -9.11 -3.82
N ARG C 37 7.96 -7.79 -3.99
CA ARG C 37 7.17 -6.94 -3.06
C ARG C 37 5.70 -7.39 -3.09
N VAL C 38 5.20 -7.71 -4.29
CA VAL C 38 3.82 -8.22 -4.51
C VAL C 38 3.67 -9.55 -3.76
N LEU C 39 4.59 -10.49 -3.97
CA LEU C 39 4.53 -11.84 -3.31
C LEU C 39 4.47 -11.63 -1.80
N SER C 40 5.25 -10.69 -1.26
CA SER C 40 5.32 -10.38 0.18
C SER C 40 3.96 -9.89 0.68
N ALA C 41 3.32 -8.98 -0.05
CA ALA C 41 1.99 -8.42 0.26
C ALA C 41 0.96 -9.55 0.44
N GLY C 42 0.93 -10.48 -0.52
CA GLY C 42 0.01 -11.64 -0.49
C GLY C 42 0.43 -12.68 0.52
N GLU C 43 1.76 -12.86 0.70
CA GLU C 43 2.35 -13.86 1.63
C GLU C 43 1.99 -13.46 3.06
N ALA C 44 2.15 -12.17 3.40
CA ALA C 44 1.85 -11.60 4.73
C ALA C 44 0.42 -12.01 5.13
N VAL C 45 -0.52 -11.88 4.19
CA VAL C 45 -1.96 -12.19 4.43
C VAL C 45 -2.09 -13.68 4.74
N LEU C 46 -1.63 -14.55 3.84
CA LEU C 46 -1.78 -16.02 3.98
C LEU C 46 -1.04 -16.50 5.23
N SER C 47 0.20 -16.02 5.42
CA SER C 47 1.06 -16.31 6.60
C SER C 47 0.30 -15.98 7.89
N GLY C 48 -0.39 -14.84 7.94
CA GLY C 48 -1.20 -14.40 9.09
C GLY C 48 -2.53 -15.14 9.22
N GLY C 49 -2.79 -16.17 8.40
CA GLY C 49 -4.02 -16.99 8.40
C GLY C 49 -5.21 -16.29 7.75
N GLY C 50 -4.96 -15.27 6.93
CA GLY C 50 -6.00 -14.54 6.18
C GLY C 50 -6.55 -15.37 5.04
N SER C 51 -7.62 -14.89 4.39
CA SER C 51 -8.38 -15.63 3.35
C SER C 51 -7.62 -15.59 2.02
N ALA C 52 -7.94 -16.53 1.12
CA ALA C 52 -7.49 -16.52 -0.29
C ALA C 52 -7.93 -15.20 -0.93
N LEU C 53 -9.13 -14.70 -0.60
CA LEU C 53 -9.68 -13.43 -1.16
C LEU C 53 -8.79 -12.25 -0.73
N ASP C 54 -8.45 -12.17 0.56
CA ASP C 54 -7.57 -11.12 1.12
C ASP C 54 -6.22 -11.17 0.40
N ALA C 55 -5.69 -12.38 0.19
CA ALA C 55 -4.37 -12.63 -0.43
C ALA C 55 -4.32 -12.06 -1.85
N VAL C 56 -5.31 -12.41 -2.69
CA VAL C 56 -5.32 -12.00 -4.12
C VAL C 56 -5.68 -10.51 -4.24
N THR C 57 -6.51 -10.01 -3.32
CA THR C 57 -6.86 -8.57 -3.26
C THR C 57 -5.57 -7.78 -3.00
N GLU C 58 -4.84 -8.13 -1.94
CA GLU C 58 -3.63 -7.38 -1.48
C GLU C 58 -2.53 -7.51 -2.53
N ALA C 59 -2.30 -8.71 -3.05
CA ALA C 59 -1.33 -8.98 -4.14
C ALA C 59 -1.65 -8.10 -5.36
N VAL C 60 -2.91 -8.06 -5.81
CA VAL C 60 -3.30 -7.31 -7.03
C VAL C 60 -3.23 -5.81 -6.74
N ALA C 61 -3.58 -5.38 -5.53
CA ALA C 61 -3.44 -3.96 -5.08
C ALA C 61 -1.96 -3.56 -5.16
N ALA C 62 -1.05 -4.45 -4.75
CA ALA C 62 0.42 -4.25 -4.85
C ALA C 62 0.83 -4.11 -6.33
N LEU C 63 0.35 -4.98 -7.22
CA LEU C 63 0.65 -4.93 -8.67
C LEU C 63 0.09 -3.64 -9.27
N GLU C 64 -1.04 -3.17 -8.76
CA GLU C 64 -1.66 -1.88 -9.20
C GLU C 64 -0.73 -0.74 -8.78
N ASP C 65 -0.17 -0.83 -7.56
CA ASP C 65 0.68 0.23 -6.97
C ASP C 65 2.04 0.30 -7.68
N GLU C 66 2.56 -0.84 -8.16
CA GLU C 66 3.86 -0.93 -8.89
C GLU C 66 3.74 -0.33 -10.29
N PRO C 67 4.49 0.74 -10.62
CA PRO C 67 4.37 1.40 -11.92
C PRO C 67 4.94 0.60 -13.10
N LEU C 68 5.63 -0.51 -12.85
CA LEU C 68 6.18 -1.37 -13.94
C LEU C 68 5.07 -2.19 -14.59
N PHE C 69 3.90 -2.31 -13.95
CA PHE C 69 2.85 -3.27 -14.34
C PHE C 69 1.55 -2.55 -14.72
N ASN C 70 0.88 -3.06 -15.77
CA ASN C 70 -0.26 -2.43 -16.47
C ASN C 70 -1.55 -2.70 -15.70
N ALA C 71 -1.68 -2.02 -14.57
CA ALA C 71 -2.86 -2.02 -13.69
C ALA C 71 -2.67 -0.86 -12.71
N GLY C 72 -3.76 -0.22 -12.27
CA GLY C 72 -3.69 1.00 -11.43
C GLY C 72 -2.62 1.95 -11.95
N ARG C 73 -1.58 2.18 -11.16
CA ARG C 73 -0.44 3.06 -11.53
C ARG C 73 0.45 2.35 -12.55
N GLY C 74 0.80 3.03 -13.64
CA GLY C 74 1.52 2.42 -14.77
C GLY C 74 0.58 1.74 -15.74
N ALA C 75 -0.73 2.02 -15.60
CA ALA C 75 -1.79 1.60 -16.53
C ALA C 75 -1.49 2.19 -17.90
N VAL C 76 -1.69 1.42 -18.96
CA VAL C 76 -1.53 1.88 -20.37
C VAL C 76 -2.57 2.97 -20.64
N PHE C 77 -2.38 3.71 -21.72
CA PHE C 77 -3.27 4.83 -22.14
C PHE C 77 -4.12 4.40 -23.33
N THR C 78 -5.35 4.91 -23.38
CA THR C 78 -6.27 4.74 -24.52
C THR C 78 -5.82 5.64 -25.67
N ARG C 79 -6.36 5.34 -26.83
CA ARG C 79 -6.27 6.14 -28.08
C ARG C 79 -6.34 7.63 -27.74
N ASP C 80 -7.23 8.04 -26.83
CA ASP C 80 -7.48 9.47 -26.48
C ASP C 80 -6.71 9.87 -25.23
N GLY C 81 -5.61 9.19 -24.89
CA GLY C 81 -4.66 9.62 -23.83
C GLY C 81 -5.26 9.67 -22.43
N LYS C 82 -6.20 8.76 -22.14
CA LYS C 82 -6.81 8.60 -20.79
C LYS C 82 -6.62 7.14 -20.33
N HIS C 83 -6.96 6.83 -19.08
CA HIS C 83 -6.96 5.45 -18.54
C HIS C 83 -8.38 4.92 -18.43
N GLU C 84 -8.59 3.69 -18.87
CA GLU C 84 -9.82 2.90 -18.65
C GLU C 84 -9.38 1.58 -18.03
N MET C 85 -9.74 1.36 -16.77
CA MET C 85 -9.19 0.23 -15.96
C MET C 85 -10.33 -0.75 -15.63
N ASP C 86 -10.06 -2.03 -15.84
CA ASP C 86 -11.01 -3.13 -15.54
C ASP C 86 -10.40 -3.97 -14.43
N ALA C 87 -11.23 -4.56 -13.57
CA ALA C 87 -10.76 -5.43 -12.47
C ALA C 87 -11.88 -6.40 -12.09
N ALA C 88 -11.51 -7.56 -11.52
CA ALA C 88 -12.47 -8.57 -11.02
C ALA C 88 -11.82 -9.34 -9.85
N VAL C 89 -12.67 -9.78 -8.93
CA VAL C 89 -12.33 -10.81 -7.91
C VAL C 89 -13.36 -11.91 -8.05
N MET C 90 -13.01 -13.11 -7.64
CA MET C 90 -13.97 -14.25 -7.56
C MET C 90 -13.51 -15.19 -6.44
N VAL C 91 -14.44 -15.61 -5.61
CA VAL C 91 -14.20 -16.55 -4.47
C VAL C 91 -14.79 -17.91 -4.87
N GLY C 92 -13.98 -18.97 -4.81
CA GLY C 92 -14.33 -20.30 -5.32
C GLY C 92 -15.32 -21.04 -4.45
N ARG C 93 -15.56 -20.57 -3.20
CA ARG C 93 -16.44 -21.27 -2.24
C ARG C 93 -17.88 -21.31 -2.76
N ASP C 94 -18.36 -20.17 -3.28
CA ASP C 94 -19.77 -19.96 -3.67
C ASP C 94 -19.85 -19.34 -5.08
N ARG C 95 -18.72 -19.28 -5.80
CA ARG C 95 -18.56 -18.51 -7.06
C ARG C 95 -19.06 -17.07 -6.90
N SER C 96 -18.94 -16.47 -5.72
CA SER C 96 -19.23 -15.04 -5.51
C SER C 96 -18.16 -14.24 -6.25
N ALA C 97 -18.52 -13.10 -6.84
CA ALA C 97 -17.63 -12.31 -7.70
C ALA C 97 -18.07 -10.85 -7.69
N GLY C 98 -17.12 -9.98 -8.01
CA GLY C 98 -17.37 -8.55 -8.28
C GLY C 98 -16.37 -8.10 -9.33
N ALA C 99 -16.78 -7.19 -10.21
CA ALA C 99 -15.92 -6.71 -11.30
C ALA C 99 -16.34 -5.30 -11.68
N VAL C 100 -15.41 -4.55 -12.27
CA VAL C 100 -15.67 -3.20 -12.85
C VAL C 100 -14.96 -3.12 -14.19
N ALA C 101 -15.42 -2.24 -15.08
CA ALA C 101 -14.83 -2.02 -16.40
C ALA C 101 -14.99 -0.55 -16.81
N GLY C 102 -13.94 0.02 -17.38
CA GLY C 102 -13.93 1.37 -18.01
C GLY C 102 -13.77 2.47 -16.99
N ILE C 103 -13.28 2.16 -15.79
CA ILE C 103 -13.22 3.16 -14.68
C ILE C 103 -11.87 3.86 -14.67
N CYS C 104 -11.83 5.02 -14.03
CA CYS C 104 -10.61 5.77 -13.69
C CYS C 104 -10.89 6.64 -12.47
N GLY C 105 -10.01 6.60 -11.49
CA GLY C 105 -10.15 7.38 -10.26
C GLY C 105 -9.80 6.53 -9.05
N PRO C 106 -10.52 5.41 -8.81
CA PRO C 106 -10.17 4.51 -7.71
C PRO C 106 -8.69 4.15 -7.81
N ARG C 107 -7.95 4.37 -6.72
CA ARG C 107 -6.49 4.11 -6.60
C ARG C 107 -6.22 2.63 -6.92
N ASN C 108 -7.11 1.74 -6.46
CA ASN C 108 -6.94 0.27 -6.54
C ASN C 108 -8.21 -0.35 -7.10
N PRO C 109 -8.38 -0.36 -8.45
CA PRO C 109 -9.56 -0.94 -9.07
C PRO C 109 -9.98 -2.28 -8.44
N VAL C 110 -9.03 -3.14 -8.09
CA VAL C 110 -9.35 -4.49 -7.54
C VAL C 110 -10.12 -4.34 -6.23
N ARG C 111 -9.86 -3.28 -5.46
CA ARG C 111 -10.60 -3.03 -4.19
C ARG C 111 -12.03 -2.60 -4.49
N LEU C 112 -12.26 -1.94 -5.63
CA LEU C 112 -13.62 -1.61 -6.10
C LEU C 112 -14.32 -2.89 -6.57
N ALA C 113 -13.67 -3.70 -7.42
CA ALA C 113 -14.19 -5.01 -7.85
C ALA C 113 -14.68 -5.77 -6.62
N ARG C 114 -13.89 -5.77 -5.55
CA ARG C 114 -14.26 -6.48 -4.29
C ARG C 114 -15.43 -5.76 -3.61
N ALA C 115 -15.45 -4.43 -3.58
CA ALA C 115 -16.55 -3.62 -2.99
C ALA C 115 -17.87 -3.99 -3.70
N VAL C 116 -17.84 -4.13 -5.03
CA VAL C 116 -19.02 -4.57 -5.83
C VAL C 116 -19.49 -5.93 -5.29
N MET C 117 -18.61 -6.92 -5.21
CA MET C 117 -18.97 -8.27 -4.71
C MET C 117 -19.64 -8.16 -3.32
N GLU C 118 -19.07 -7.37 -2.42
CA GLU C 118 -19.40 -7.41 -0.97
C GLU C 118 -20.60 -6.51 -0.66
N ARG C 119 -20.80 -5.44 -1.43
CA ARG C 119 -21.83 -4.40 -1.14
C ARG C 119 -23.08 -4.57 -2.03
N THR C 120 -22.96 -5.23 -3.18
CA THR C 120 -24.09 -5.41 -4.12
C THR C 120 -24.30 -6.90 -4.39
N SER C 121 -25.37 -7.22 -5.10
CA SER C 121 -25.73 -8.56 -5.59
C SER C 121 -25.23 -8.76 -7.03
N HIS C 122 -24.48 -7.77 -7.57
CA HIS C 122 -23.97 -7.74 -8.97
C HIS C 122 -22.55 -8.31 -9.04
N VAL C 123 -22.16 -8.82 -10.21
CA VAL C 123 -20.81 -9.39 -10.46
C VAL C 123 -20.09 -8.59 -11.55
N LEU C 124 -20.70 -7.51 -12.05
CA LEU C 124 -20.04 -6.59 -13.02
C LEU C 124 -20.77 -5.26 -13.01
N MET C 125 -20.04 -4.17 -12.88
CA MET C 125 -20.59 -2.79 -12.89
C MET C 125 -19.66 -1.86 -13.65
N ILE C 126 -20.24 -0.84 -14.28
CA ILE C 126 -19.52 0.10 -15.19
C ILE C 126 -19.92 1.54 -14.84
N GLY C 127 -19.16 2.48 -15.39
CA GLY C 127 -19.43 3.92 -15.34
C GLY C 127 -19.62 4.42 -13.92
N GLU C 128 -20.51 5.41 -13.76
CA GLU C 128 -20.66 6.20 -12.53
C GLU C 128 -21.26 5.35 -11.41
N GLY C 129 -22.06 4.34 -11.76
CA GLY C 129 -22.63 3.40 -10.80
C GLY C 129 -21.53 2.69 -10.03
N ALA C 130 -20.48 2.26 -10.74
CA ALA C 130 -19.30 1.57 -10.19
C ALA C 130 -18.56 2.53 -9.26
N LEU C 131 -18.34 3.77 -9.68
CA LEU C 131 -17.61 4.80 -8.89
C LEU C 131 -18.40 5.15 -7.63
N GLY C 132 -19.74 5.14 -7.72
CA GLY C 132 -20.62 5.39 -6.56
C GLY C 132 -20.39 4.37 -5.47
N ILE C 133 -20.09 3.13 -5.83
CA ILE C 133 -19.81 2.02 -4.86
C ILE C 133 -18.45 2.25 -4.21
N ALA C 134 -17.46 2.66 -5.01
CA ALA C 134 -16.12 3.04 -4.52
C ALA C 134 -16.29 4.06 -3.39
N ARG C 135 -17.05 5.12 -3.65
CA ARG C 135 -17.26 6.25 -2.69
C ARG C 135 -17.97 5.71 -1.45
N ASP C 136 -19.01 4.90 -1.62
CA ASP C 136 -19.73 4.24 -0.51
C ASP C 136 -18.75 3.44 0.34
N ALA C 137 -17.88 2.68 -0.31
CA ALA C 137 -16.90 1.77 0.33
C ALA C 137 -15.72 2.58 0.92
N GLY C 138 -15.69 3.89 0.66
CA GLY C 138 -14.67 4.82 1.18
C GLY C 138 -13.32 4.58 0.55
N LEU C 139 -13.27 4.02 -0.65
CA LEU C 139 -12.00 3.73 -1.37
C LEU C 139 -11.33 5.05 -1.78
N ALA C 140 -10.01 5.02 -1.91
CA ALA C 140 -9.19 6.20 -2.28
C ALA C 140 -9.33 6.46 -3.78
N PHE C 141 -9.54 7.73 -4.13
CA PHE C 141 -9.50 8.24 -5.53
C PHE C 141 -8.22 9.05 -5.74
N GLU C 142 -7.70 9.02 -6.96
CA GLU C 142 -6.43 9.67 -7.37
C GLU C 142 -6.67 10.41 -8.69
N ASP C 143 -5.90 11.46 -8.97
CA ASP C 143 -5.93 12.16 -10.28
C ASP C 143 -5.12 11.36 -11.30
N ASP C 144 -5.19 11.76 -12.58
CA ASP C 144 -4.50 11.07 -13.71
C ASP C 144 -2.99 11.12 -13.54
N ALA C 145 -2.49 12.12 -12.81
CA ALA C 145 -1.05 12.30 -12.46
C ALA C 145 -0.54 11.05 -11.73
N TYR C 146 -1.27 10.61 -10.70
CA TYR C 146 -0.89 9.45 -9.86
C TYR C 146 -0.61 8.24 -10.74
N PHE C 147 -1.49 7.99 -11.73
CA PHE C 147 -1.51 6.78 -12.61
C PHE C 147 -0.43 6.91 -13.69
N PHE C 148 -0.12 8.16 -14.07
CA PHE C 148 0.79 8.49 -15.20
C PHE C 148 2.17 7.85 -14.98
N THR C 149 2.71 7.20 -16.02
CA THR C 149 4.15 6.81 -16.09
C THR C 149 4.66 7.17 -17.48
N GLN C 150 5.83 7.81 -17.53
CA GLN C 150 6.41 8.35 -18.79
C GLN C 150 6.47 7.25 -19.85
N GLU C 151 6.86 6.04 -19.49
CA GLU C 151 7.12 4.95 -20.47
C GLU C 151 5.81 4.56 -21.17
N ARG C 152 4.70 4.51 -20.42
CA ARG C 152 3.38 4.18 -21.00
C ARG C 152 2.96 5.30 -21.95
N TRP C 153 3.17 6.56 -21.54
CA TRP C 153 2.83 7.75 -22.35
C TRP C 153 3.60 7.70 -23.68
N ASP C 154 4.90 7.40 -23.62
CA ASP C 154 5.80 7.28 -24.80
C ASP C 154 5.35 6.08 -25.65
N SER C 155 4.93 4.99 -25.00
CA SER C 155 4.38 3.78 -25.69
C SER C 155 3.19 4.18 -26.57
N LEU C 156 2.29 5.01 -26.04
CA LEU C 156 1.10 5.53 -26.76
C LEU C 156 1.57 6.37 -27.97
N GLN C 157 2.44 7.35 -27.72
CA GLN C 157 2.91 8.33 -28.74
C GLN C 157 3.60 7.57 -29.88
N GLU C 158 4.43 6.58 -29.55
CA GLU C 158 5.09 5.69 -30.55
C GLU C 158 4.00 4.90 -31.27
N THR C 159 3.06 4.28 -30.55
CA THR C 159 1.97 3.46 -31.15
C THR C 159 1.15 4.29 -32.13
N LEU C 160 0.83 5.55 -31.77
CA LEU C 160 0.05 6.49 -32.61
C LEU C 160 0.83 6.91 -33.86
N ARG C 161 2.15 6.70 -33.98
CA ARG C 161 2.94 6.96 -35.21
C ARG C 161 2.31 6.27 -36.44
N MET C 162 1.74 5.06 -36.29
CA MET C 162 0.92 4.35 -37.31
C MET C 162 0.21 5.36 -38.22
N THR D 1 -2.08 -6.13 -18.05
CA THR D 1 -2.95 -6.94 -17.15
C THR D 1 -2.09 -7.57 -16.06
N VAL D 2 -2.57 -7.56 -14.82
CA VAL D 2 -1.89 -8.18 -13.64
C VAL D 2 -2.93 -9.05 -12.96
N GLY D 3 -2.50 -10.02 -12.15
CA GLY D 3 -3.46 -10.85 -11.40
C GLY D 3 -2.80 -11.70 -10.34
N ALA D 4 -3.61 -12.35 -9.53
CA ALA D 4 -3.17 -13.23 -8.42
C ALA D 4 -4.24 -14.30 -8.19
N VAL D 5 -3.78 -15.51 -7.88
CA VAL D 5 -4.65 -16.64 -7.46
C VAL D 5 -4.06 -17.16 -6.16
N ALA D 6 -4.90 -17.56 -5.22
CA ALA D 6 -4.46 -18.01 -3.89
C ALA D 6 -5.22 -19.26 -3.49
N ARG D 7 -4.53 -20.12 -2.74
CA ARG D 7 -5.12 -21.24 -2.00
C ARG D 7 -4.79 -21.05 -0.53
N ASP D 8 -5.84 -20.91 0.25
CA ASP D 8 -5.95 -20.67 1.70
C ASP D 8 -5.43 -21.90 2.44
N ALA D 9 -5.23 -21.77 3.74
CA ALA D 9 -4.83 -22.84 4.69
C ALA D 9 -5.87 -23.99 4.68
N GLU D 10 -7.13 -23.69 4.38
CA GLU D 10 -8.24 -24.68 4.36
C GLU D 10 -8.42 -25.25 2.95
N GLY D 11 -7.67 -24.77 1.97
CA GLY D 11 -7.75 -25.20 0.55
C GLY D 11 -8.78 -24.39 -0.22
N ARG D 12 -9.26 -23.28 0.34
CA ARG D 12 -10.20 -22.34 -0.31
C ARG D 12 -9.44 -21.52 -1.37
N LEU D 13 -10.03 -21.37 -2.54
CA LEU D 13 -9.42 -20.64 -3.69
C LEU D 13 -10.10 -19.27 -3.85
N ALA D 14 -9.36 -18.36 -4.48
CA ALA D 14 -9.84 -17.03 -4.91
C ALA D 14 -8.95 -16.59 -6.07
N ALA D 15 -9.44 -15.68 -6.90
CA ALA D 15 -8.66 -15.09 -8.01
C ALA D 15 -9.02 -13.60 -8.07
N ALA D 16 -8.07 -12.79 -8.52
CA ALA D 16 -8.29 -11.35 -8.76
C ALA D 16 -7.47 -10.96 -9.98
N THR D 17 -8.00 -10.04 -10.76
CA THR D 17 -7.35 -9.51 -11.98
C THR D 17 -7.61 -8.02 -12.06
N SER D 18 -6.63 -7.27 -12.53
CA SER D 18 -6.73 -5.80 -12.72
C SER D 18 -5.91 -5.45 -13.96
N THR D 19 -6.32 -4.44 -14.72
CA THR D 19 -5.66 -4.07 -16.00
C THR D 19 -5.90 -2.59 -16.31
N GLY D 20 -4.98 -1.99 -17.05
CA GLY D 20 -5.16 -0.69 -17.73
C GLY D 20 -5.60 -0.92 -19.17
N GLY D 21 -5.69 -2.19 -19.55
CA GLY D 21 -6.22 -2.67 -20.83
C GLY D 21 -5.11 -2.93 -21.83
N MET D 22 -5.04 -2.11 -22.87
CA MET D 22 -4.19 -2.31 -24.06
C MET D 22 -3.83 -0.92 -24.62
N THR D 23 -2.56 -0.72 -24.99
CA THR D 23 -2.02 0.61 -25.37
C THR D 23 -2.75 1.05 -26.64
N ALA D 24 -3.22 2.30 -26.64
CA ALA D 24 -3.92 2.95 -27.77
C ALA D 24 -5.23 2.22 -28.09
N LYS D 25 -5.80 1.51 -27.11
CA LYS D 25 -7.13 0.85 -27.21
C LYS D 25 -8.18 1.94 -27.50
N ARG D 26 -9.23 1.57 -28.23
CA ARG D 26 -10.41 2.43 -28.52
C ARG D 26 -11.21 2.63 -27.23
N ALA D 27 -11.48 3.88 -26.85
CA ALA D 27 -12.16 4.23 -25.59
C ALA D 27 -13.48 3.46 -25.53
N GLY D 28 -13.72 2.73 -24.43
CA GLY D 28 -14.95 1.95 -24.16
C GLY D 28 -14.72 0.46 -24.29
N ARG D 29 -13.57 0.04 -24.85
CA ARG D 29 -13.23 -1.40 -25.02
C ARG D 29 -13.12 -2.06 -23.65
N VAL D 30 -13.75 -3.23 -23.52
CA VAL D 30 -13.70 -4.12 -22.33
C VAL D 30 -13.08 -5.44 -22.79
N GLY D 31 -12.05 -5.90 -22.08
CA GLY D 31 -11.35 -7.17 -22.33
C GLY D 31 -11.86 -8.26 -21.42
N ASP D 32 -11.03 -9.28 -21.16
CA ASP D 32 -11.40 -10.53 -20.46
C ASP D 32 -11.35 -10.35 -18.93
N SER D 33 -10.55 -9.40 -18.44
CA SER D 33 -10.18 -9.29 -17.01
C SER D 33 -11.42 -9.20 -16.13
N PRO D 34 -12.41 -8.33 -16.42
CA PRO D 34 -13.58 -8.14 -15.56
C PRO D 34 -14.75 -9.11 -15.81
N VAL D 35 -14.57 -10.06 -16.74
CA VAL D 35 -15.61 -11.04 -17.16
C VAL D 35 -15.28 -12.39 -16.53
N ILE D 36 -16.03 -12.78 -15.50
CA ILE D 36 -15.80 -14.10 -14.83
C ILE D 36 -16.08 -15.21 -15.84
N GLY D 37 -15.24 -16.23 -15.88
CA GLY D 37 -15.31 -17.30 -16.89
C GLY D 37 -14.42 -17.02 -18.10
N ALA D 38 -13.98 -15.77 -18.28
CA ALA D 38 -13.04 -15.39 -19.37
C ALA D 38 -11.63 -15.20 -18.78
N GLY D 39 -11.38 -14.07 -18.11
CA GLY D 39 -10.04 -13.68 -17.60
C GLY D 39 -9.86 -13.92 -16.11
N THR D 40 -10.95 -13.96 -15.35
CA THR D 40 -10.93 -14.21 -13.89
C THR D 40 -11.87 -15.40 -13.61
N PHE D 41 -11.51 -16.26 -12.66
CA PHE D 41 -12.34 -17.44 -12.32
C PHE D 41 -11.84 -18.11 -11.04
N ALA D 42 -12.77 -18.62 -10.23
CA ALA D 42 -12.47 -19.38 -9.00
C ALA D 42 -13.64 -20.29 -8.64
N ASP D 43 -13.34 -21.57 -8.49
CA ASP D 43 -14.26 -22.61 -7.95
C ASP D 43 -13.41 -23.59 -7.12
N ASP D 44 -13.75 -23.74 -5.84
CA ASP D 44 -12.98 -24.56 -4.86
C ASP D 44 -13.01 -26.03 -5.27
N GLY D 45 -13.91 -26.41 -6.19
CA GLY D 45 -14.01 -27.79 -6.69
C GLY D 45 -12.99 -28.08 -7.79
N THR D 46 -12.38 -27.05 -8.39
CA THR D 46 -11.44 -27.20 -9.53
C THR D 46 -10.19 -26.35 -9.33
N CYS D 47 -10.27 -25.05 -9.65
CA CYS D 47 -9.12 -24.14 -9.76
C CYS D 47 -9.54 -22.67 -9.65
N ALA D 48 -8.56 -21.80 -9.41
CA ALA D 48 -8.65 -20.34 -9.53
C ALA D 48 -7.73 -19.91 -10.67
N ILE D 49 -8.17 -18.97 -11.51
CA ILE D 49 -7.46 -18.56 -12.76
C ILE D 49 -7.45 -17.03 -12.85
N SER D 50 -6.31 -16.47 -13.27
CA SER D 50 -6.15 -15.06 -13.69
C SER D 50 -5.35 -15.05 -14.98
N ALA D 51 -5.93 -14.50 -16.05
CA ALA D 51 -5.36 -14.58 -17.41
C ALA D 51 -4.76 -13.22 -17.79
N THR D 52 -3.88 -13.22 -18.79
CA THR D 52 -3.30 -12.02 -19.43
C THR D 52 -3.01 -12.33 -20.90
N GLY D 53 -3.34 -11.42 -21.81
CA GLY D 53 -3.15 -11.57 -23.26
C GLY D 53 -4.27 -10.88 -24.03
N ASP D 54 -4.45 -11.27 -25.30
CA ASP D 54 -5.45 -10.68 -26.23
C ASP D 54 -6.73 -10.96 -25.44
N GLY D 55 -7.47 -9.93 -25.04
CA GLY D 55 -8.66 -10.02 -24.18
C GLY D 55 -9.79 -10.61 -25.02
N GLU D 56 -9.88 -10.22 -26.29
CA GLU D 56 -10.95 -10.65 -27.23
C GLU D 56 -10.91 -12.18 -27.40
N ALA D 57 -9.72 -12.74 -27.62
CA ALA D 57 -9.49 -14.21 -27.78
C ALA D 57 -9.94 -14.93 -26.50
N PHE D 58 -9.62 -14.37 -25.33
CA PHE D 58 -9.95 -14.94 -23.99
C PHE D 58 -11.47 -14.91 -23.79
N LEU D 59 -12.13 -13.85 -24.27
CA LEU D 59 -13.61 -13.69 -24.20
C LEU D 59 -14.29 -14.70 -25.13
N ARG D 60 -13.81 -14.81 -26.37
CA ARG D 60 -14.41 -15.66 -27.43
C ARG D 60 -14.31 -17.14 -27.07
N LEU D 61 -13.21 -17.56 -26.43
CA LEU D 61 -12.95 -18.98 -26.04
C LEU D 61 -13.42 -19.25 -24.61
N SER D 62 -13.76 -18.20 -23.84
CA SER D 62 -14.10 -18.30 -22.40
C SER D 62 -13.03 -19.13 -21.69
N VAL D 63 -11.77 -18.70 -21.79
CA VAL D 63 -10.55 -19.49 -21.46
C VAL D 63 -10.65 -20.03 -20.03
N ALA D 64 -10.90 -19.17 -19.05
CA ALA D 64 -10.94 -19.57 -17.62
C ALA D 64 -11.99 -20.67 -17.44
N HIS D 65 -13.20 -20.49 -17.99
CA HIS D 65 -14.32 -21.46 -17.85
C HIS D 65 -13.98 -22.76 -18.58
N GLU D 66 -13.42 -22.67 -19.79
CA GLU D 66 -13.02 -23.87 -20.57
C GLU D 66 -12.12 -24.76 -19.70
N ILE D 67 -11.19 -24.18 -18.95
CA ILE D 67 -10.24 -24.94 -18.10
C ILE D 67 -11.02 -25.59 -16.94
N ASP D 68 -11.93 -24.85 -16.29
CA ASP D 68 -12.85 -25.38 -15.25
C ASP D 68 -13.70 -26.52 -15.83
N ALA D 69 -14.19 -26.35 -17.06
CA ALA D 69 -15.05 -27.34 -17.76
C ALA D 69 -14.23 -28.60 -18.03
N ARG D 70 -13.01 -28.46 -18.54
CA ARG D 70 -12.15 -29.62 -18.91
C ARG D 70 -11.80 -30.40 -17.66
N MET D 71 -11.57 -29.73 -16.54
CA MET D 71 -11.30 -30.41 -15.24
C MET D 71 -12.56 -31.19 -14.83
N ARG D 72 -13.74 -30.57 -14.88
CA ARG D 72 -15.01 -31.18 -14.40
C ARG D 72 -15.53 -32.27 -15.35
N LEU D 73 -15.51 -32.03 -16.66
CA LEU D 73 -16.26 -32.83 -17.65
C LEU D 73 -15.37 -33.95 -18.23
N ARG D 74 -14.06 -33.76 -18.33
CA ARG D 74 -13.10 -34.78 -18.84
C ARG D 74 -12.21 -35.31 -17.72
N GLY D 75 -12.36 -34.79 -16.48
CA GLY D 75 -11.51 -35.18 -15.34
C GLY D 75 -10.05 -34.81 -15.53
N GLU D 76 -9.73 -33.87 -16.42
CA GLU D 76 -8.34 -33.43 -16.69
C GLU D 76 -7.78 -32.77 -15.43
N SER D 77 -6.45 -32.79 -15.31
CA SER D 77 -5.67 -31.99 -14.34
C SER D 77 -5.66 -30.54 -14.78
N LEU D 78 -5.49 -29.60 -13.85
CA LEU D 78 -5.35 -28.15 -14.15
C LEU D 78 -4.25 -27.96 -15.20
N ARG D 79 -3.12 -28.68 -15.06
CA ARG D 79 -1.95 -28.54 -15.97
C ARG D 79 -2.36 -28.92 -17.41
N SER D 80 -2.98 -30.09 -17.56
CA SER D 80 -3.35 -30.67 -18.87
C SER D 80 -4.29 -29.71 -19.61
N ALA D 81 -5.36 -29.29 -18.90
CA ALA D 81 -6.40 -28.36 -19.39
C ALA D 81 -5.79 -27.00 -19.75
N ALA D 82 -5.09 -26.37 -18.79
CA ALA D 82 -4.54 -25.00 -18.94
C ALA D 82 -3.54 -24.98 -20.11
N GLU D 83 -2.71 -26.02 -20.24
CA GLU D 83 -1.65 -26.14 -21.27
C GLU D 83 -2.30 -26.28 -22.64
N ALA D 84 -3.34 -27.11 -22.73
CA ALA D 84 -4.13 -27.37 -23.95
C ALA D 84 -4.76 -26.08 -24.47
N VAL D 85 -5.43 -25.32 -23.58
CA VAL D 85 -6.16 -24.08 -23.94
C VAL D 85 -5.17 -22.99 -24.38
N ILE D 86 -4.11 -22.75 -23.61
CA ILE D 86 -3.12 -21.67 -23.88
C ILE D 86 -2.22 -22.10 -25.05
N GLY D 87 -1.81 -23.37 -25.07
CA GLY D 87 -0.88 -23.92 -26.08
C GLY D 87 -1.54 -24.03 -27.46
N SER D 88 -2.74 -24.64 -27.51
CA SER D 88 -3.41 -25.05 -28.78
C SER D 88 -4.61 -24.14 -29.09
N ASP D 89 -5.63 -24.08 -28.23
CA ASP D 89 -6.91 -23.38 -28.51
C ASP D 89 -6.63 -21.90 -28.80
N LEU D 90 -5.83 -21.26 -27.93
CA LEU D 90 -5.51 -19.81 -28.00
C LEU D 90 -4.69 -19.54 -29.28
N GLU D 91 -3.79 -20.46 -29.63
CA GLU D 91 -2.97 -20.37 -30.87
C GLU D 91 -3.93 -20.44 -32.08
N ALA D 92 -4.81 -21.44 -32.11
CA ALA D 92 -5.74 -21.73 -33.22
C ALA D 92 -6.56 -20.49 -33.60
N ILE D 93 -7.05 -19.72 -32.62
CA ILE D 93 -7.86 -18.47 -32.79
C ILE D 93 -6.92 -17.28 -33.08
N GLY D 94 -5.60 -17.49 -33.09
CA GLY D 94 -4.58 -16.47 -33.41
C GLY D 94 -4.29 -15.53 -32.23
N GLY D 95 -4.57 -15.95 -31.01
CA GLY D 95 -4.36 -15.14 -29.79
C GLY D 95 -3.04 -15.45 -29.11
N SER D 96 -2.45 -14.43 -28.48
CA SER D 96 -1.24 -14.51 -27.62
C SER D 96 -1.64 -14.26 -26.16
N GLY D 97 -0.89 -14.86 -25.24
CA GLY D 97 -1.01 -14.57 -23.80
C GLY D 97 -0.75 -15.80 -22.98
N GLY D 98 -1.13 -15.72 -21.70
CA GLY D 98 -0.91 -16.79 -20.72
C GLY D 98 -1.83 -16.59 -19.53
N LEU D 99 -1.50 -17.21 -18.40
CA LEU D 99 -2.49 -17.59 -17.38
C LEU D 99 -1.74 -18.10 -16.16
N ILE D 100 -2.05 -17.60 -14.97
CA ILE D 100 -1.64 -18.24 -13.69
C ILE D 100 -2.88 -18.95 -13.17
N ALA D 101 -2.69 -20.14 -12.62
CA ALA D 101 -3.80 -20.93 -12.06
C ALA D 101 -3.26 -21.82 -10.96
N ILE D 102 -4.09 -22.04 -9.95
CA ILE D 102 -3.82 -22.94 -8.80
C ILE D 102 -5.04 -23.84 -8.65
N ASP D 103 -4.85 -25.17 -8.58
CA ASP D 103 -5.97 -26.12 -8.40
C ASP D 103 -6.27 -26.24 -6.90
N ARG D 104 -7.26 -27.06 -6.55
CA ARG D 104 -7.79 -27.20 -5.17
C ARG D 104 -6.79 -27.93 -4.25
N ASP D 105 -5.80 -28.62 -4.84
CA ASP D 105 -4.73 -29.35 -4.11
C ASP D 105 -3.44 -28.51 -4.03
N GLY D 106 -3.43 -27.33 -4.65
CA GLY D 106 -2.33 -26.35 -4.53
C GLY D 106 -1.35 -26.40 -5.70
N ALA D 107 -1.52 -27.30 -6.67
CA ALA D 107 -0.70 -27.34 -7.89
C ALA D 107 -0.79 -25.98 -8.59
N ILE D 108 0.34 -25.34 -8.84
CA ILE D 108 0.41 -24.03 -9.59
C ILE D 108 0.92 -24.31 -11.00
N VAL D 109 0.24 -23.74 -12.01
CA VAL D 109 0.67 -23.74 -13.44
C VAL D 109 0.65 -22.28 -13.92
N THR D 110 1.62 -21.90 -14.74
CA THR D 110 1.74 -20.53 -15.29
C THR D 110 2.10 -20.61 -16.78
N PRO D 111 1.26 -21.27 -17.59
CA PRO D 111 1.52 -21.39 -19.04
C PRO D 111 1.33 -20.07 -19.77
N TYR D 112 2.11 -19.86 -20.82
CA TYR D 112 2.01 -18.71 -21.76
C TYR D 112 2.55 -19.17 -23.12
N ASN D 113 2.11 -18.57 -24.22
CA ASN D 113 2.49 -19.01 -25.59
C ASN D 113 3.29 -17.92 -26.29
N CYS D 114 3.77 -16.94 -25.54
CA CYS D 114 4.46 -15.71 -26.05
C CYS D 114 5.88 -15.62 -25.46
N GLU D 115 6.59 -14.51 -25.72
CA GLU D 115 8.03 -14.35 -25.39
C GLU D 115 8.26 -14.60 -23.90
N GLY D 116 7.35 -14.12 -23.05
CA GLY D 116 7.47 -14.25 -21.59
C GLY D 116 6.20 -13.80 -20.88
N MET D 117 6.25 -13.80 -19.55
CA MET D 117 5.13 -13.40 -18.68
C MET D 117 5.68 -13.11 -17.28
N TYR D 118 5.68 -11.83 -16.88
CA TYR D 118 6.05 -11.40 -15.51
C TYR D 118 5.21 -12.25 -14.57
N ARG D 119 5.84 -12.99 -13.66
CA ARG D 119 5.11 -13.94 -12.80
C ARG D 119 5.94 -14.32 -11.58
N GLY D 120 5.27 -14.91 -10.59
CA GLY D 120 5.94 -15.43 -9.39
C GLY D 120 4.97 -16.20 -8.53
N TRP D 121 5.52 -16.94 -7.57
CA TRP D 121 4.72 -17.72 -6.60
C TRP D 121 5.51 -17.81 -5.30
N VAL D 122 4.79 -17.92 -4.19
CA VAL D 122 5.36 -18.10 -2.83
C VAL D 122 4.52 -19.19 -2.15
N LEU D 123 5.17 -20.14 -1.48
CA LEU D 123 4.50 -21.28 -0.81
C LEU D 123 4.44 -21.02 0.69
N GLY D 124 3.68 -21.83 1.42
CA GLY D 124 3.59 -21.79 2.90
C GLY D 124 4.90 -22.18 3.55
N SER D 125 5.78 -22.88 2.81
CA SER D 125 7.17 -23.20 3.20
C SER D 125 8.00 -21.92 3.34
N GLY D 126 7.63 -20.83 2.67
CA GLY D 126 8.44 -19.62 2.51
C GLY D 126 9.13 -19.62 1.16
N GLU D 127 9.29 -20.80 0.54
CA GLU D 127 9.92 -21.00 -0.78
C GLU D 127 9.24 -20.10 -1.82
N ARG D 128 10.04 -19.44 -2.66
CA ARG D 128 9.59 -18.36 -3.58
C ARG D 128 10.37 -18.44 -4.89
N GLU D 129 9.76 -17.99 -5.98
CA GLU D 129 10.45 -17.67 -7.25
C GLU D 129 9.72 -16.51 -7.94
N THR D 130 10.43 -15.77 -8.78
CA THR D 130 9.84 -14.83 -9.75
C THR D 130 10.51 -15.11 -11.10
N ALA D 131 9.85 -14.77 -12.19
CA ALA D 131 10.32 -15.09 -13.56
C ALA D 131 9.83 -14.02 -14.51
N ILE D 132 10.51 -13.89 -15.66
CA ILE D 132 10.07 -13.02 -16.78
C ILE D 132 9.99 -13.88 -18.03
N TYR D 133 11.12 -14.48 -18.42
CA TYR D 133 11.22 -15.46 -19.53
C TYR D 133 11.18 -16.86 -18.91
N GLU D 134 12.25 -17.66 -19.00
CA GLU D 134 12.22 -19.13 -18.73
C GLU D 134 12.18 -19.42 -17.21
N GLY E 6 -9.06 -7.46 24.07
CA GLY E 6 -8.63 -7.70 22.67
C GLY E 6 -7.70 -6.60 22.17
N TYR E 7 -7.42 -6.60 20.88
CA TYR E 7 -6.44 -5.68 20.26
C TYR E 7 -7.00 -4.26 20.23
N SER E 8 -6.12 -3.27 20.08
CA SER E 8 -6.47 -1.85 19.84
C SER E 8 -5.42 -1.23 18.92
N LEU E 9 -5.82 -0.22 18.15
CA LEU E 9 -4.93 0.60 17.28
C LEU E 9 -5.36 2.05 17.43
N ALA E 10 -4.39 2.95 17.62
CA ALA E 10 -4.59 4.41 17.52
C ALA E 10 -3.63 4.95 16.46
N ILE E 11 -4.01 6.01 15.76
CA ILE E 11 -3.19 6.62 14.68
C ILE E 11 -3.26 8.15 14.85
N HIS E 12 -2.34 8.84 14.21
CA HIS E 12 -2.43 10.30 13.98
C HIS E 12 -1.85 10.60 12.60
N GLY E 13 -2.26 11.72 12.03
CA GLY E 13 -1.74 12.24 10.75
C GLY E 13 -1.13 13.61 10.96
N GLY E 14 -0.84 13.94 12.23
CA GLY E 14 -0.09 15.14 12.63
C GLY E 14 -0.97 16.14 13.36
N ALA E 15 -0.34 16.98 14.17
CA ALA E 15 -0.96 18.13 14.88
C ALA E 15 -0.84 19.38 14.00
N GLY E 16 -0.19 19.27 12.84
CA GLY E 16 -0.12 20.34 11.83
C GLY E 16 -1.41 20.40 11.03
N VAL E 17 -2.54 20.52 11.73
CA VAL E 17 -3.90 20.47 11.12
C VAL E 17 -4.14 21.77 10.36
N LEU E 18 -5.01 21.74 9.35
CA LEU E 18 -5.55 22.94 8.68
C LEU E 18 -6.42 23.69 9.68
N PRO E 19 -6.28 25.04 9.81
CA PRO E 19 -7.09 25.79 10.77
C PRO E 19 -8.59 25.62 10.49
N ARG E 20 -9.42 25.56 11.55
CA ARG E 20 -10.88 25.33 11.45
C ARG E 20 -11.50 26.29 10.42
N GLU E 21 -11.13 27.57 10.48
CA GLU E 21 -11.73 28.63 9.62
C GLU E 21 -11.41 28.38 8.13
N ARG E 22 -10.42 27.55 7.79
CA ARG E 22 -10.04 27.23 6.39
C ARG E 22 -10.51 25.82 6.01
N MET E 23 -11.01 25.06 6.98
CA MET E 23 -11.44 23.65 6.79
C MET E 23 -12.86 23.67 6.19
N THR E 24 -12.99 23.17 4.96
CA THR E 24 -14.29 23.01 4.24
C THR E 24 -14.91 21.67 4.66
N ALA E 25 -16.20 21.46 4.37
CA ALA E 25 -16.93 20.21 4.66
C ALA E 25 -16.37 19.06 3.80
N GLU E 26 -15.94 19.36 2.57
CA GLU E 26 -15.38 18.39 1.58
C GLU E 26 -14.03 17.90 2.09
N ARG E 27 -13.17 18.84 2.52
CA ARG E 27 -11.80 18.54 3.03
C ARG E 27 -11.91 17.75 4.34
N GLU E 28 -12.82 18.17 5.23
CA GLU E 28 -13.08 17.48 6.51
C GLU E 28 -13.45 16.02 6.22
N ALA E 29 -14.36 15.81 5.27
CA ALA E 29 -14.86 14.48 4.86
C ALA E 29 -13.69 13.67 4.27
N ALA E 30 -12.91 14.29 3.39
CA ALA E 30 -11.74 13.68 2.72
C ALA E 30 -10.75 13.22 3.79
N THR E 31 -10.52 14.07 4.81
CA THR E 31 -9.56 13.82 5.91
C THR E 31 -10.01 12.60 6.72
N HIS E 32 -11.29 12.56 7.12
CA HIS E 32 -11.88 11.43 7.89
C HIS E 32 -11.82 10.14 7.06
N ALA E 33 -11.96 10.26 5.74
CA ALA E 33 -11.93 9.11 4.79
C ALA E 33 -10.53 8.50 4.80
N ALA E 34 -9.51 9.35 4.63
CA ALA E 34 -8.07 8.99 4.66
C ALA E 34 -7.74 8.30 6.00
N LEU E 35 -8.12 8.91 7.13
CA LEU E 35 -7.90 8.32 8.48
C LEU E 35 -8.60 6.97 8.57
N GLY E 36 -9.79 6.84 7.98
CA GLY E 36 -10.59 5.61 7.99
C GLY E 36 -9.88 4.48 7.27
N ARG E 37 -9.28 4.80 6.12
CA ARG E 37 -8.53 3.84 5.27
C ARG E 37 -7.30 3.34 6.05
N VAL E 38 -6.64 4.25 6.76
CA VAL E 38 -5.46 3.94 7.62
C VAL E 38 -5.89 2.97 8.72
N LEU E 39 -6.97 3.29 9.45
CA LEU E 39 -7.47 2.44 10.57
C LEU E 39 -7.72 1.02 10.02
N SER E 40 -8.31 0.93 8.83
CA SER E 40 -8.67 -0.35 8.18
C SER E 40 -7.38 -1.17 7.89
N ALA E 41 -6.35 -0.51 7.36
CA ALA E 41 -5.04 -1.12 7.05
C ALA E 41 -4.45 -1.79 8.29
N GLY E 42 -4.44 -1.07 9.43
CA GLY E 42 -3.91 -1.57 10.70
C GLY E 42 -4.86 -2.58 11.33
N GLU E 43 -6.17 -2.38 11.17
CA GLU E 43 -7.23 -3.25 11.75
C GLU E 43 -7.14 -4.62 11.08
N ALA E 44 -7.02 -4.66 9.75
CA ALA E 44 -6.88 -5.90 8.96
C ALA E 44 -5.77 -6.76 9.55
N VAL E 45 -4.64 -6.15 9.88
CA VAL E 45 -3.44 -6.86 10.44
C VAL E 45 -3.82 -7.46 11.78
N LEU E 46 -4.29 -6.64 12.73
CA LEU E 46 -4.62 -7.07 14.11
C LEU E 46 -5.74 -8.13 14.06
N SER E 47 -6.79 -7.86 13.27
CA SER E 47 -7.94 -8.77 13.04
C SER E 47 -7.43 -10.14 12.58
N GLY E 48 -6.46 -10.19 11.67
CA GLY E 48 -5.84 -11.42 11.16
C GLY E 48 -4.86 -12.06 12.13
N GLY E 49 -4.74 -11.55 13.36
CA GLY E 49 -3.86 -12.07 14.43
C GLY E 49 -2.41 -11.67 14.23
N GLY E 50 -2.14 -10.62 13.44
CA GLY E 50 -0.79 -10.08 13.20
C GLY E 50 -0.25 -9.37 14.42
N SER E 51 1.04 -9.01 14.40
CA SER E 51 1.77 -8.38 15.53
C SER E 51 1.39 -6.90 15.64
N ALA E 52 1.62 -6.32 16.82
CA ALA E 52 1.52 -4.86 17.05
C ALA E 52 2.47 -4.15 16.08
N LEU E 53 3.65 -4.74 15.82
CA LEU E 53 4.68 -4.15 14.89
C LEU E 53 4.10 -4.08 13.48
N ASP E 54 3.51 -5.18 13.00
CA ASP E 54 2.87 -5.26 11.65
C ASP E 54 1.78 -4.19 11.57
N ALA E 55 0.97 -4.05 12.63
CA ALA E 55 -0.18 -3.12 12.71
C ALA E 55 0.30 -1.68 12.51
N VAL E 56 1.29 -1.23 13.28
CA VAL E 56 1.79 0.18 13.27
C VAL E 56 2.57 0.42 11.98
N THR E 57 3.28 -0.59 11.48
CA THR E 57 4.02 -0.50 10.19
C THR E 57 3.01 -0.23 9.07
N GLU E 58 1.96 -1.08 8.96
CA GLU E 58 0.95 -1.01 7.87
C GLU E 58 0.15 0.28 7.99
N ALA E 59 -0.29 0.63 9.20
CA ALA E 59 -0.99 1.91 9.50
C ALA E 59 -0.13 3.10 9.04
N VAL E 60 1.15 3.14 9.40
CA VAL E 60 2.04 4.30 9.09
C VAL E 60 2.34 4.30 7.59
N ALA E 61 2.49 3.13 6.97
CA ALA E 61 2.65 2.99 5.49
C ALA E 61 1.43 3.59 4.80
N ALA E 62 0.22 3.34 5.32
CA ALA E 62 -1.05 3.92 4.82
C ALA E 62 -1.02 5.44 4.94
N LEU E 63 -0.61 5.97 6.10
CA LEU E 63 -0.51 7.44 6.34
C LEU E 63 0.53 8.04 5.39
N GLU E 64 1.60 7.30 5.08
CA GLU E 64 2.65 7.73 4.13
C GLU E 64 2.01 7.81 2.73
N ASP E 65 1.16 6.84 2.40
CA ASP E 65 0.53 6.70 1.05
C ASP E 65 -0.52 7.79 0.84
N GLU E 66 -1.20 8.23 1.90
CA GLU E 66 -2.25 9.29 1.86
C GLU E 66 -1.61 10.66 1.66
N PRO E 67 -1.91 11.39 0.56
CA PRO E 67 -1.28 12.68 0.29
C PRO E 67 -1.74 13.82 1.21
N LEU E 68 -2.78 13.60 2.03
CA LEU E 68 -3.29 14.63 2.97
C LEU E 68 -2.35 14.74 4.18
N PHE E 69 -1.47 13.77 4.40
CA PHE E 69 -0.65 13.66 5.64
C PHE E 69 0.84 13.78 5.30
N ASN E 70 1.56 14.48 6.17
CA ASN E 70 2.96 14.93 6.00
C ASN E 70 3.90 13.78 6.39
N ALA E 71 3.96 12.78 5.51
CA ALA E 71 4.83 11.59 5.59
C ALA E 71 4.74 10.89 4.23
N GLY E 72 5.83 10.27 3.78
CA GLY E 72 5.90 9.70 2.41
C GLY E 72 5.33 10.66 1.39
N ARG E 73 4.24 10.26 0.74
CA ARG E 73 3.55 11.10 -0.28
C ARG E 73 2.76 12.21 0.42
N GLY E 74 2.90 13.44 -0.05
CA GLY E 74 2.34 14.63 0.60
C GLY E 74 3.24 15.16 1.70
N ALA E 75 4.49 14.67 1.73
CA ALA E 75 5.58 15.17 2.60
C ALA E 75 5.81 16.64 2.28
N VAL E 76 6.00 17.46 3.32
CA VAL E 76 6.29 18.91 3.16
C VAL E 76 7.65 19.04 2.45
N PHE E 77 7.95 20.25 1.99
CA PHE E 77 9.22 20.58 1.29
C PHE E 77 10.14 21.37 2.21
N THR E 78 11.44 21.12 2.04
CA THR E 78 12.52 21.89 2.71
C THR E 78 12.66 23.24 2.00
N ARG E 79 13.34 24.17 2.65
CA ARG E 79 13.63 25.50 2.10
C ARG E 79 14.19 25.37 0.67
N ASP E 80 14.94 24.31 0.38
CA ASP E 80 15.58 24.08 -0.96
C ASP E 80 14.70 23.17 -1.83
N GLY E 81 13.40 23.10 -1.57
CA GLY E 81 12.38 22.49 -2.46
C GLY E 81 12.57 20.99 -2.66
N LYS E 82 13.07 20.28 -1.65
CA LYS E 82 13.25 18.82 -1.66
C LYS E 82 12.54 18.21 -0.45
N HIS E 83 12.46 16.88 -0.39
CA HIS E 83 11.90 16.12 0.75
C HIS E 83 13.03 15.49 1.56
N GLU E 84 12.97 15.63 2.87
CA GLU E 84 13.85 14.94 3.84
C GLU E 84 12.95 14.25 4.85
N MET E 85 12.90 12.92 4.83
CA MET E 85 11.87 12.13 5.55
C MET E 85 12.55 11.31 6.66
N ASP E 86 11.96 11.34 7.85
CA ASP E 86 12.45 10.58 9.03
C ASP E 86 11.38 9.57 9.40
N ALA E 87 11.75 8.44 9.97
CA ALA E 87 10.80 7.41 10.44
C ALA E 87 11.46 6.56 11.53
N ALA E 88 10.66 5.94 12.39
CA ALA E 88 11.11 5.00 13.43
C ALA E 88 10.02 3.97 13.71
N VAL E 89 10.44 2.77 14.09
CA VAL E 89 9.57 1.74 14.72
C VAL E 89 10.24 1.38 16.04
N MET E 90 9.46 0.90 16.99
CA MET E 90 9.98 0.35 18.26
C MET E 90 8.99 -0.70 18.76
N VAL E 91 9.51 -1.84 19.18
CA VAL E 91 8.73 -2.99 19.73
C VAL E 91 8.94 -3.00 21.24
N GLY E 92 7.86 -2.97 22.01
CA GLY E 92 7.90 -2.80 23.48
C GLY E 92 8.35 -4.06 24.21
N ARG E 93 8.39 -5.22 23.54
CA ARG E 93 8.75 -6.52 24.16
C ARG E 93 10.18 -6.47 24.68
N ASP E 94 11.10 -5.96 23.86
CA ASP E 94 12.58 -6.00 24.11
C ASP E 94 13.18 -4.60 23.88
N ARG E 95 12.34 -3.57 23.72
CA ARG E 95 12.74 -2.21 23.27
C ARG E 95 13.62 -2.28 22.00
N SER E 96 13.42 -3.27 21.13
CA SER E 96 14.08 -3.31 19.80
C SER E 96 13.53 -2.17 18.95
N ALA E 97 14.36 -1.54 18.11
CA ALA E 97 13.98 -0.32 17.36
C ALA E 97 14.81 -0.21 16.08
N GLY E 98 14.27 0.52 15.11
CA GLY E 98 14.96 0.95 13.90
C GLY E 98 14.44 2.32 13.50
N ALA E 99 15.30 3.18 12.96
CA ALA E 99 14.92 4.55 12.57
C ALA E 99 15.80 5.01 11.43
N VAL E 100 15.31 5.97 10.65
CA VAL E 100 16.08 6.66 9.58
C VAL E 100 15.78 8.15 9.67
N ALA E 101 16.68 8.98 9.15
CA ALA E 101 16.52 10.45 9.12
C ALA E 101 17.19 11.02 7.87
N GLY E 102 16.52 12.01 7.23
CA GLY E 102 17.04 12.82 6.12
C GLY E 102 17.00 12.09 4.78
N ILE E 103 16.17 11.06 4.65
CA ILE E 103 16.15 10.22 3.43
C ILE E 103 15.09 10.74 2.45
N CYS E 104 15.25 10.33 1.19
CA CYS E 104 14.25 10.52 0.12
C CYS E 104 14.47 9.45 -0.94
N GLY E 105 13.40 8.80 -1.36
CA GLY E 105 13.47 7.71 -2.35
C GLY E 105 12.58 6.56 -1.91
N PRO E 106 12.86 5.93 -0.75
CA PRO E 106 12.01 4.85 -0.25
C PRO E 106 10.55 5.32 -0.23
N ARG E 107 9.67 4.56 -0.89
CA ARG E 107 8.22 4.85 -1.01
C ARG E 107 7.60 4.98 0.40
N ASN E 108 8.05 4.12 1.32
CA ASN E 108 7.49 4.00 2.70
C ASN E 108 8.63 4.03 3.72
N PRO E 109 9.11 5.23 4.09
CA PRO E 109 10.18 5.35 5.08
C PRO E 109 10.02 4.41 6.29
N VAL E 110 8.80 4.23 6.78
CA VAL E 110 8.56 3.39 8.00
C VAL E 110 9.02 1.97 7.72
N ARG E 111 8.90 1.48 6.47
CA ARG E 111 9.32 0.11 6.11
C ARG E 111 10.85 0.03 6.10
N LEU E 112 11.54 1.15 5.81
CA LEU E 112 13.02 1.23 5.94
C LEU E 112 13.40 1.24 7.43
N ALA E 113 12.78 2.10 8.24
CA ALA E 113 12.98 2.14 9.70
C ALA E 113 12.91 0.70 10.23
N ARG E 114 11.91 -0.06 9.78
CA ARG E 114 11.74 -1.46 10.23
C ARG E 114 12.85 -2.35 9.66
N ALA E 115 13.26 -2.15 8.41
CA ALA E 115 14.37 -2.90 7.77
C ALA E 115 15.64 -2.71 8.59
N VAL E 116 15.90 -1.48 9.04
CA VAL E 116 17.06 -1.15 9.93
C VAL E 116 16.97 -2.04 11.17
N MET E 117 15.84 -2.03 11.89
CA MET E 117 15.67 -2.84 13.13
C MET E 117 15.98 -4.32 12.82
N GLU E 118 15.46 -4.86 11.73
CA GLU E 118 15.39 -6.33 11.46
C GLU E 118 16.69 -6.81 10.81
N ARG E 119 17.38 -5.97 10.04
CA ARG E 119 18.56 -6.37 9.21
C ARG E 119 19.88 -5.94 9.86
N THR E 120 19.88 -4.95 10.74
CA THR E 120 21.10 -4.44 11.42
C THR E 120 20.92 -4.53 12.93
N SER E 121 22.00 -4.25 13.66
CA SER E 121 22.05 -4.15 15.14
C SER E 121 21.86 -2.69 15.58
N HIS E 122 21.58 -1.79 14.64
CA HIS E 122 21.50 -0.31 14.83
C HIS E 122 20.04 0.11 15.04
N VAL E 123 19.82 1.25 15.70
CA VAL E 123 18.47 1.80 16.00
C VAL E 123 18.30 3.17 15.33
N LEU E 124 19.29 3.64 14.58
CA LEU E 124 19.17 4.92 13.82
C LEU E 124 20.23 4.93 12.73
N MET E 125 19.84 5.21 11.49
CA MET E 125 20.77 5.30 10.34
C MET E 125 20.37 6.46 9.43
N ILE E 126 21.36 7.04 8.76
CA ILE E 126 21.20 8.26 7.92
C ILE E 126 21.92 8.03 6.58
N GLY E 127 21.66 8.96 5.64
CA GLY E 127 22.37 9.04 4.36
C GLY E 127 22.33 7.74 3.58
N GLU E 128 23.41 7.48 2.84
CA GLU E 128 23.47 6.40 1.82
C GLU E 128 23.47 5.03 2.49
N GLY E 129 23.98 4.95 3.72
CA GLY E 129 23.96 3.70 4.50
C GLY E 129 22.53 3.22 4.72
N ALA E 130 21.63 4.15 5.05
CA ALA E 130 20.19 3.90 5.27
C ALA E 130 19.56 3.42 3.95
N LEU E 131 19.85 4.09 2.84
CA LEU E 131 19.28 3.75 1.51
C LEU E 131 19.80 2.38 1.06
N GLY E 132 21.04 2.05 1.41
CA GLY E 132 21.64 0.73 1.10
C GLY E 132 20.85 -0.38 1.74
N ILE E 133 20.29 -0.16 2.93
CA ILE E 133 19.48 -1.17 3.66
C ILE E 133 18.12 -1.33 2.96
N ALA E 134 17.52 -0.21 2.54
CA ALA E 134 16.28 -0.20 1.76
C ALA E 134 16.45 -1.12 0.55
N ARG E 135 17.53 -0.93 -0.21
CA ARG E 135 17.84 -1.71 -1.44
C ARG E 135 18.02 -3.19 -1.07
N ASP E 136 18.78 -3.47 -0.02
CA ASP E 136 18.99 -4.86 0.50
C ASP E 136 17.64 -5.49 0.81
N ALA E 137 16.76 -4.73 1.47
CA ALA E 137 15.41 -5.19 1.92
C ALA E 137 14.45 -5.27 0.73
N GLY E 138 14.87 -4.78 -0.44
CA GLY E 138 14.09 -4.79 -1.69
C GLY E 138 12.91 -3.84 -1.61
N LEU E 139 12.98 -2.78 -0.81
CA LEU E 139 11.89 -1.78 -0.66
C LEU E 139 11.77 -0.98 -1.96
N ALA E 140 10.57 -0.47 -2.22
CA ALA E 140 10.26 0.33 -3.43
C ALA E 140 10.83 1.74 -3.26
N PHE E 141 11.50 2.22 -4.31
CA PHE E 141 11.95 3.62 -4.45
C PHE E 141 11.06 4.35 -5.46
N GLU E 142 10.87 5.65 -5.25
CA GLU E 142 10.00 6.52 -6.07
C GLU E 142 10.76 7.81 -6.38
N ASP E 143 10.46 8.48 -7.50
CA ASP E 143 11.03 9.82 -7.80
C ASP E 143 10.27 10.89 -7.03
N ASP E 144 10.76 12.15 -7.09
CA ASP E 144 10.19 13.30 -6.33
C ASP E 144 8.77 13.58 -6.79
N ALA E 145 8.40 13.22 -8.02
CA ALA E 145 7.05 13.37 -8.59
C ALA E 145 6.04 12.59 -7.73
N TYR E 146 6.34 11.34 -7.40
CA TYR E 146 5.44 10.47 -6.59
C TYR E 146 5.04 11.19 -5.29
N PHE E 147 6.02 11.81 -4.62
CA PHE E 147 5.90 12.43 -3.27
C PHE E 147 5.21 13.80 -3.39
N PHE E 148 5.36 14.44 -4.54
CA PHE E 148 4.89 15.83 -4.82
C PHE E 148 3.40 15.95 -4.56
N THR E 149 3.01 17.00 -3.82
CA THR E 149 1.61 17.44 -3.64
C THR E 149 1.56 18.95 -3.88
N GLN E 150 0.70 19.43 -4.77
CA GLN E 150 0.63 20.87 -5.13
C GLN E 150 0.49 21.73 -3.87
N GLU E 151 -0.34 21.31 -2.91
CA GLU E 151 -0.65 22.13 -1.70
C GLU E 151 0.61 22.34 -0.87
N ARG E 152 1.44 21.31 -0.74
CA ARG E 152 2.71 21.40 0.04
C ARG E 152 3.66 22.35 -0.70
N TRP E 153 3.74 22.24 -2.02
CA TRP E 153 4.60 23.10 -2.86
C TRP E 153 4.19 24.55 -2.68
N ASP E 154 2.89 24.84 -2.73
CA ASP E 154 2.31 26.20 -2.55
C ASP E 154 2.57 26.66 -1.12
N SER E 155 2.48 25.76 -0.13
CA SER E 155 2.76 26.04 1.30
C SER E 155 4.19 26.57 1.43
N LEU E 156 5.15 25.94 0.74
CA LEU E 156 6.58 26.34 0.75
C LEU E 156 6.70 27.74 0.15
N GLN E 157 6.15 27.95 -1.06
CA GLN E 157 6.28 29.20 -1.84
C GLN E 157 5.71 30.35 -1.02
N GLU E 158 4.53 30.13 -0.41
CA GLU E 158 3.88 31.12 0.49
C GLU E 158 4.78 31.38 1.70
N THR E 159 5.25 30.31 2.35
CA THR E 159 6.10 30.40 3.57
C THR E 159 7.38 31.21 3.25
N LEU E 160 8.02 30.92 2.11
CA LEU E 160 9.26 31.62 1.66
C LEU E 160 8.96 33.10 1.40
N ARG E 161 7.83 33.38 0.73
CA ARG E 161 7.48 34.76 0.28
C ARG E 161 6.52 35.40 1.31
N MET E 162 6.98 35.48 2.57
CA MET E 162 6.16 35.78 3.77
C MET E 162 6.21 34.56 4.71
N THR F 1 3.94 15.22 10.35
CA THR F 1 4.29 13.97 11.09
C THR F 1 3.05 13.10 11.24
N VAL F 2 3.18 11.79 11.05
CA VAL F 2 2.09 10.81 11.22
C VAL F 2 2.63 9.72 12.15
N GLY F 3 1.76 8.95 12.78
CA GLY F 3 2.21 7.81 13.59
C GLY F 3 1.08 6.86 13.97
N ALA F 4 1.44 5.74 14.57
CA ALA F 4 0.50 4.70 15.02
C ALA F 4 1.10 3.99 16.23
N VAL F 5 0.25 3.62 17.18
CA VAL F 5 0.61 2.77 18.34
C VAL F 5 -0.42 1.66 18.38
N ALA F 6 0.01 0.45 18.70
CA ALA F 6 -0.88 -0.72 18.70
C ALA F 6 -0.64 -1.56 19.95
N ARG F 7 -1.72 -2.16 20.43
CA ARG F 7 -1.68 -3.23 21.44
C ARG F 7 -2.38 -4.44 20.85
N ASP F 8 -1.68 -5.56 20.73
CA ASP F 8 -2.27 -6.78 20.14
C ASP F 8 -3.08 -7.49 21.23
N ALA F 9 -3.72 -8.61 20.88
CA ALA F 9 -4.65 -9.39 21.72
C ALA F 9 -3.93 -9.92 22.98
N GLU F 10 -2.61 -10.12 22.90
CA GLU F 10 -1.77 -10.66 23.99
C GLU F 10 -1.23 -9.51 24.87
N GLY F 11 -1.49 -8.25 24.49
CA GLY F 11 -1.11 -7.05 25.26
C GLY F 11 0.28 -6.56 24.86
N ARG F 12 0.86 -7.08 23.78
CA ARG F 12 2.19 -6.63 23.26
C ARG F 12 2.02 -5.28 22.56
N LEU F 13 2.93 -4.35 22.84
CA LEU F 13 2.89 -2.97 22.29
C LEU F 13 3.94 -2.79 21.20
N ALA F 14 3.71 -1.80 20.36
CA ALA F 14 4.63 -1.32 19.30
C ALA F 14 4.22 0.11 18.99
N ALA F 15 5.14 0.90 18.44
CA ALA F 15 4.88 2.28 17.97
C ALA F 15 5.65 2.47 16.67
N ALA F 16 5.17 3.35 15.81
CA ALA F 16 5.84 3.75 14.57
C ALA F 16 5.52 5.21 14.32
N THR F 17 6.47 5.93 13.75
CA THR F 17 6.32 7.34 13.36
C THR F 17 6.99 7.53 12.01
N SER F 18 6.43 8.40 11.19
CA SER F 18 7.02 8.81 9.89
C SER F 18 6.70 10.30 9.71
N THR F 19 7.57 11.04 9.05
CA THR F 19 7.37 12.49 8.81
C THR F 19 8.10 12.90 7.54
N GLY F 20 7.60 13.94 6.87
CA GLY F 20 8.28 14.68 5.79
C GLY F 20 8.96 15.90 6.39
N GLY F 21 8.77 16.09 7.70
CA GLY F 21 9.43 17.12 8.51
C GLY F 21 8.55 18.34 8.66
N MET F 22 8.97 19.47 8.08
CA MET F 22 8.48 20.82 8.43
C MET F 22 8.64 21.73 7.21
N THR F 23 7.63 22.54 6.89
CA THR F 23 7.61 23.38 5.66
C THR F 23 8.75 24.39 5.76
N ALA F 24 9.55 24.51 4.70
CA ALA F 24 10.69 25.45 4.57
C ALA F 24 11.76 25.14 5.62
N LYS F 25 11.82 23.87 6.08
CA LYS F 25 12.84 23.37 7.03
C LYS F 25 14.22 23.58 6.42
N ARG F 26 15.22 23.84 7.27
CA ARG F 26 16.65 23.88 6.88
C ARG F 26 17.11 22.47 6.56
N ALA F 27 17.68 22.25 5.37
CA ALA F 27 18.10 20.91 4.90
C ALA F 27 19.06 20.33 5.93
N GLY F 28 18.77 19.11 6.40
CA GLY F 28 19.61 18.36 7.34
C GLY F 28 19.04 18.32 8.75
N ARG F 29 18.05 19.17 9.07
CA ARG F 29 17.41 19.21 10.41
C ARG F 29 16.72 17.87 10.67
N VAL F 30 16.94 17.31 11.85
CA VAL F 30 16.31 16.07 12.37
C VAL F 30 15.49 16.46 13.59
N GLY F 31 14.21 16.08 13.61
CA GLY F 31 13.30 16.31 14.75
C GLY F 31 13.24 15.09 15.65
N ASP F 32 12.12 14.93 16.35
CA ASP F 32 11.90 13.92 17.43
C ASP F 32 11.50 12.57 16.84
N SER F 33 10.92 12.54 15.64
CA SER F 33 10.24 11.34 15.08
C SER F 33 11.17 10.12 15.07
N PRO F 34 12.42 10.24 14.56
CA PRO F 34 13.32 9.09 14.43
C PRO F 34 14.18 8.79 15.68
N VAL F 35 13.98 9.55 16.76
CA VAL F 35 14.77 9.44 18.02
C VAL F 35 13.91 8.73 19.07
N ILE F 36 14.20 7.47 19.34
CA ILE F 36 13.43 6.69 20.35
C ILE F 36 13.65 7.35 21.72
N GLY F 37 12.58 7.49 22.51
CA GLY F 37 12.60 8.22 23.80
C GLY F 37 12.20 9.67 23.63
N ALA F 38 12.19 10.20 22.40
CA ALA F 38 11.71 11.56 22.08
C ALA F 38 10.31 11.50 21.45
N GLY F 39 10.24 11.14 20.16
CA GLY F 39 9.01 11.15 19.35
C GLY F 39 8.39 9.77 19.17
N THR F 40 9.19 8.71 19.28
CA THR F 40 8.72 7.31 19.15
C THR F 40 9.15 6.55 20.41
N PHE F 41 8.35 5.62 20.90
CA PHE F 41 8.68 4.83 22.11
C PHE F 41 7.72 3.66 22.28
N ALA F 42 8.23 2.52 22.78
CA ALA F 42 7.40 1.34 23.11
C ALA F 42 8.11 0.48 24.17
N ASP F 43 7.40 0.20 25.26
CA ASP F 43 7.80 -0.77 26.31
C ASP F 43 6.53 -1.46 26.81
N ASP F 44 6.47 -2.79 26.73
CA ASP F 44 5.28 -3.61 27.08
C ASP F 44 4.96 -3.46 28.58
N GLY F 45 5.90 -2.96 29.38
CA GLY F 45 5.70 -2.73 30.82
C GLY F 45 4.95 -1.43 31.11
N THR F 46 4.85 -0.53 30.14
CA THR F 46 4.25 0.83 30.34
C THR F 46 3.30 1.17 29.19
N CYS F 47 3.86 1.66 28.08
CA CYS F 47 3.09 2.27 26.97
C CYS F 47 3.88 2.28 25.67
N ALA F 48 3.17 2.51 24.56
CA ALA F 48 3.72 2.86 23.24
C ALA F 48 3.29 4.29 22.93
N ILE F 49 4.19 5.09 22.34
CA ILE F 49 3.97 6.54 22.08
C ILE F 49 4.42 6.88 20.68
N SER F 50 3.66 7.73 19.98
CA SER F 50 4.05 8.42 18.72
C SER F 50 3.63 9.88 18.85
N ALA F 51 4.59 10.79 18.72
CA ALA F 51 4.38 12.23 18.98
C ALA F 51 4.32 12.97 17.65
N THR F 52 3.76 14.19 17.70
CA THR F 52 3.77 15.17 16.60
C THR F 52 3.80 16.58 17.21
N GLY F 53 4.63 17.47 16.67
CA GLY F 53 4.77 18.86 17.16
C GLY F 53 6.19 19.36 17.00
N ASP F 54 6.53 20.45 17.72
CA ASP F 54 7.85 21.13 17.64
C ASP F 54 8.84 20.04 18.06
N GLY F 55 9.63 19.53 17.10
CA GLY F 55 10.54 18.38 17.27
C GLY F 55 11.60 18.72 18.31
N GLU F 56 12.11 19.95 18.30
CA GLU F 56 13.20 20.41 19.22
C GLU F 56 12.73 20.31 20.67
N ALA F 57 11.52 20.78 20.97
CA ALA F 57 10.90 20.73 22.32
C ALA F 57 10.78 19.26 22.77
N PHE F 58 10.37 18.37 21.87
CA PHE F 58 10.17 16.93 22.14
C PHE F 58 11.53 16.26 22.41
N LEU F 59 12.57 16.70 21.70
CA LEU F 59 13.97 16.20 21.88
C LEU F 59 14.53 16.69 23.23
N ARG F 60 14.35 17.97 23.54
CA ARG F 60 14.91 18.63 24.75
C ARG F 60 14.28 18.07 26.04
N LEU F 61 12.98 17.74 25.99
CA LEU F 61 12.21 17.21 27.17
C LEU F 61 12.22 15.69 27.16
N SER F 62 12.67 15.05 26.07
CA SER F 62 12.61 13.57 25.86
C SER F 62 11.19 13.09 26.22
N VAL F 63 10.19 13.65 25.54
CA VAL F 63 8.75 13.59 25.92
C VAL F 63 8.32 12.13 26.08
N ALA F 64 8.57 11.28 25.09
CA ALA F 64 8.13 9.87 25.11
C ALA F 64 8.72 9.17 26.34
N HIS F 65 10.02 9.34 26.59
CA HIS F 65 10.74 8.69 27.72
C HIS F 65 10.23 9.25 29.06
N GLU F 66 10.04 10.56 29.15
CA GLU F 66 9.52 11.22 30.38
C GLU F 66 8.22 10.52 30.80
N ILE F 67 7.34 10.22 29.84
CA ILE F 67 6.01 9.58 30.10
C ILE F 67 6.27 8.15 30.61
N ASP F 68 7.15 7.40 29.95
CA ASP F 68 7.57 6.03 30.38
C ASP F 68 8.16 6.10 31.79
N ALA F 69 8.99 7.11 32.08
CA ALA F 69 9.68 7.30 33.38
C ALA F 69 8.62 7.58 34.46
N ARG F 70 7.67 8.47 34.18
CA ARG F 70 6.64 8.88 35.16
C ARG F 70 5.78 7.67 35.50
N MET F 71 5.45 6.84 34.51
CA MET F 71 4.67 5.60 34.74
C MET F 71 5.48 4.65 35.64
N ARG F 72 6.76 4.43 35.32
CA ARG F 72 7.62 3.43 36.01
C ARG F 72 8.03 3.91 37.40
N LEU F 73 8.43 5.18 37.54
CA LEU F 73 9.16 5.67 38.73
C LEU F 73 8.17 6.23 39.77
N ARG F 74 7.06 6.85 39.34
CA ARG F 74 6.03 7.43 40.25
C ARG F 74 4.72 6.63 40.19
N GLY F 75 4.66 5.56 39.40
CA GLY F 75 3.46 4.71 39.25
C GLY F 75 2.28 5.45 38.63
N GLU F 76 2.52 6.56 37.92
CA GLU F 76 1.45 7.33 37.23
C GLU F 76 0.79 6.45 36.16
N SER F 77 -0.48 6.74 35.84
CA SER F 77 -1.22 6.21 34.67
C SER F 77 -0.69 6.90 33.42
N LEU F 78 -0.82 6.25 32.25
CA LEU F 78 -0.43 6.84 30.95
C LEU F 78 -1.12 8.19 30.79
N ARG F 79 -2.41 8.27 31.16
CA ARG F 79 -3.22 9.50 30.98
C ARG F 79 -2.62 10.64 31.80
N SER F 80 -2.36 10.39 33.08
CA SER F 80 -1.86 11.40 34.04
C SER F 80 -0.54 11.99 33.53
N ALA F 81 0.41 11.09 33.20
CA ALA F 81 1.76 11.38 32.70
C ALA F 81 1.68 12.14 31.38
N ALA F 82 1.00 11.56 30.38
CA ALA F 82 0.93 12.11 29.00
C ALA F 82 0.30 13.50 29.03
N GLU F 83 -0.74 13.68 29.82
CA GLU F 83 -1.51 14.96 29.89
C GLU F 83 -0.64 16.02 30.55
N ALA F 84 0.07 15.66 31.62
CA ALA F 84 1.01 16.52 32.37
C ALA F 84 2.13 17.03 31.43
N VAL F 85 2.75 16.14 30.66
CA VAL F 85 3.91 16.47 29.78
C VAL F 85 3.43 17.36 28.62
N ILE F 86 2.33 17.01 27.94
CA ILE F 86 1.81 17.77 26.77
C ILE F 86 1.13 19.06 27.26
N GLY F 87 0.37 18.97 28.36
CA GLY F 87 -0.40 20.10 28.91
C GLY F 87 0.50 21.17 29.53
N SER F 88 1.44 20.75 30.40
CA SER F 88 2.25 21.64 31.26
C SER F 88 3.70 21.75 30.76
N ASP F 89 4.45 20.64 30.74
CA ASP F 89 5.91 20.64 30.45
C ASP F 89 6.15 21.25 29.06
N LEU F 90 5.39 20.82 28.06
CA LEU F 90 5.55 21.24 26.64
C LEU F 90 5.18 22.72 26.52
N GLU F 91 4.16 23.17 27.25
CA GLU F 91 3.74 24.59 27.32
C GLU F 91 4.90 25.42 27.91
N ALA F 92 5.43 24.99 29.05
CA ALA F 92 6.47 25.70 29.83
C ALA F 92 7.68 26.02 28.96
N ILE F 93 8.11 25.10 28.09
CA ILE F 93 9.28 25.23 27.16
C ILE F 93 8.86 25.99 25.90
N GLY F 94 7.57 26.36 25.78
CA GLY F 94 7.02 27.15 24.67
C GLY F 94 6.76 26.32 23.42
N GLY F 95 6.58 25.01 23.57
CA GLY F 95 6.40 24.07 22.45
C GLY F 95 4.93 23.75 22.23
N SER F 96 4.56 23.44 20.99
CA SER F 96 3.18 23.04 20.58
C SER F 96 3.23 21.62 20.01
N GLY F 97 2.12 20.89 20.15
CA GLY F 97 1.98 19.56 19.55
C GLY F 97 1.18 18.63 20.45
N GLY F 98 1.24 17.35 20.15
CA GLY F 98 0.46 16.31 20.82
C GLY F 98 1.08 14.96 20.58
N LEU F 99 0.32 13.90 20.80
CA LEU F 99 0.86 12.57 21.15
C LEU F 99 -0.31 11.59 21.15
N ILE F 100 -0.16 10.46 20.46
CA ILE F 100 -1.06 9.29 20.65
C ILE F 100 -0.27 8.29 21.48
N ALA F 101 -0.93 7.63 22.41
CA ALA F 101 -0.28 6.64 23.29
C ALA F 101 -1.33 5.63 23.73
N ILE F 102 -0.88 4.39 23.88
CA ILE F 102 -1.69 3.24 24.38
C ILE F 102 -0.87 2.58 25.48
N ASP F 103 -1.46 2.37 26.67
CA ASP F 103 -0.74 1.68 27.77
C ASP F 103 -0.90 0.17 27.58
N ARG F 104 -0.31 -0.61 28.48
CA ARG F 104 -0.22 -2.09 28.41
C ARG F 104 -1.58 -2.74 28.66
N ASP F 105 -2.53 -1.99 29.22
CA ASP F 105 -3.92 -2.47 29.50
C ASP F 105 -4.89 -1.98 28.41
N GLY F 106 -4.40 -1.19 27.44
CA GLY F 106 -5.17 -0.80 26.24
C GLY F 106 -5.79 0.58 26.36
N ALA F 107 -5.63 1.28 27.49
CA ALA F 107 -6.07 2.69 27.63
C ALA F 107 -5.42 3.53 26.53
N ILE F 108 -6.23 4.23 25.73
CA ILE F 108 -5.72 5.14 24.66
C ILE F 108 -5.91 6.58 25.14
N VAL F 109 -4.86 7.39 25.00
CA VAL F 109 -4.88 8.86 25.24
C VAL F 109 -4.30 9.52 23.99
N THR F 110 -4.87 10.66 23.59
CA THR F 110 -4.44 11.44 22.41
C THR F 110 -4.43 12.92 22.78
N PRO F 111 -3.63 13.32 23.81
CA PRO F 111 -3.55 14.72 24.22
C PRO F 111 -2.81 15.56 23.18
N TYR F 112 -3.21 16.82 23.04
CA TYR F 112 -2.55 17.85 22.21
C TYR F 112 -2.88 19.21 22.84
N ASN F 113 -2.01 20.21 22.65
CA ASN F 113 -2.16 21.54 23.30
C ASN F 113 -2.37 22.60 22.22
N CYS F 114 -2.66 22.18 20.99
CA CYS F 114 -2.76 23.04 19.78
C CYS F 114 -4.18 22.96 19.19
N GLU F 115 -4.41 23.60 18.04
CA GLU F 115 -5.76 23.75 17.43
C GLU F 115 -6.45 22.40 17.27
N GLY F 116 -5.68 21.38 16.85
CA GLY F 116 -6.23 20.04 16.59
C GLY F 116 -5.15 19.02 16.31
N MET F 117 -5.55 17.79 16.00
CA MET F 117 -4.64 16.68 15.67
C MET F 117 -5.43 15.60 14.91
N TYR F 118 -5.18 15.47 13.60
CA TYR F 118 -5.75 14.38 12.78
C TYR F 118 -5.46 13.07 13.53
N ARG F 119 -6.48 12.31 13.87
CA ARG F 119 -6.30 11.11 14.73
C ARG F 119 -7.49 10.18 14.60
N GLY F 120 -7.30 8.94 15.06
CA GLY F 120 -8.35 7.91 15.06
C GLY F 120 -7.91 6.70 15.84
N TRP F 121 -8.85 5.82 16.15
CA TRP F 121 -8.58 4.52 16.81
C TRP F 121 -9.64 3.52 16.37
N VAL F 122 -9.27 2.25 16.35
CA VAL F 122 -10.19 1.11 16.07
C VAL F 122 -9.93 0.05 17.14
N LEU F 123 -10.99 -0.51 17.72
CA LEU F 123 -10.87 -1.52 18.81
C LEU F 123 -11.15 -2.90 18.21
N GLY F 124 -10.87 -3.96 18.98
CA GLY F 124 -11.15 -5.36 18.61
C GLY F 124 -12.65 -5.63 18.52
N SER F 125 -13.46 -4.76 19.17
CA SER F 125 -14.93 -4.76 19.08
C SER F 125 -15.39 -4.41 17.66
N GLY F 126 -14.55 -3.73 16.87
CA GLY F 126 -14.91 -3.15 15.58
C GLY F 126 -15.18 -1.66 15.73
N GLU F 127 -15.49 -1.21 16.96
CA GLU F 127 -15.79 0.20 17.31
C GLU F 127 -14.63 1.09 16.83
N ARG F 128 -15.00 2.23 16.23
CA ARG F 128 -14.05 3.14 15.53
C ARG F 128 -14.45 4.59 15.79
N GLU F 129 -13.46 5.48 15.84
CA GLU F 129 -13.69 6.95 15.75
C GLU F 129 -12.51 7.56 14.99
N THR F 130 -12.75 8.70 14.37
CA THR F 130 -11.72 9.61 13.83
C THR F 130 -12.07 11.01 14.30
N ALA F 131 -11.08 11.89 14.38
CA ALA F 131 -11.26 13.27 14.88
C ALA F 131 -10.25 14.19 14.19
N ILE F 132 -10.55 15.49 14.21
CA ILE F 132 -9.60 16.55 13.78
C ILE F 132 -9.45 17.53 14.93
N TYR F 133 -10.57 18.09 15.42
CA TYR F 133 -10.63 19.10 16.50
C TYR F 133 -11.22 18.41 17.75
N SER G 2 24.18 35.57 45.70
CA SER G 2 24.39 34.40 44.78
C SER G 2 25.14 33.28 45.52
N LYS G 3 24.51 32.11 45.71
CA LYS G 3 25.21 30.93 46.27
C LYS G 3 26.40 30.61 45.35
N THR G 4 27.62 30.73 45.91
CA THR G 4 28.91 30.58 45.20
C THR G 4 29.63 29.35 45.73
N SER G 5 30.30 28.62 44.83
CA SER G 5 31.23 27.51 45.14
C SER G 5 32.37 27.50 44.13
N GLY G 6 33.33 26.61 44.28
CA GLY G 6 34.40 26.46 43.26
C GLY G 6 33.83 25.87 41.99
N TYR G 7 34.37 26.25 40.83
CA TYR G 7 34.08 25.56 39.55
C TYR G 7 34.67 24.15 39.59
N SER G 8 34.18 23.27 38.72
CA SER G 8 34.76 21.91 38.50
C SER G 8 34.49 21.47 37.06
N LEU G 9 35.32 20.55 36.56
CA LEU G 9 35.28 20.00 35.19
C LEU G 9 35.63 18.51 35.32
N ALA G 10 34.88 17.65 34.64
CA ALA G 10 35.22 16.22 34.45
C ALA G 10 35.26 15.94 32.96
N ILE G 11 36.08 14.99 32.53
CA ILE G 11 36.30 14.65 31.10
C ILE G 11 36.38 13.13 30.97
N HIS G 12 36.20 12.64 29.76
CA HIS G 12 36.52 11.23 29.41
C HIS G 12 36.99 11.22 27.97
N GLY G 13 37.77 10.20 27.61
CA GLY G 13 38.30 9.96 26.25
C GLY G 13 37.81 8.62 25.77
N GLY G 14 36.78 8.08 26.42
CA GLY G 14 36.06 6.88 25.98
C GLY G 14 36.28 5.70 26.91
N ALA G 15 35.35 4.75 26.85
CA ALA G 15 35.38 3.48 27.60
C ALA G 15 36.11 2.41 26.75
N GLY G 16 36.43 2.72 25.50
CA GLY G 16 37.07 1.77 24.57
C GLY G 16 38.55 1.70 24.81
N VAL G 17 38.97 1.49 26.06
CA VAL G 17 40.39 1.60 26.51
C VAL G 17 41.16 0.40 25.97
N LEU G 18 42.48 0.57 25.85
CA LEU G 18 43.45 -0.49 25.52
C LEU G 18 43.44 -1.55 26.63
N PRO G 19 43.42 -2.85 26.28
CA PRO G 19 43.49 -3.93 27.27
C PRO G 19 44.73 -3.81 28.18
N ARG G 20 44.57 -4.12 29.46
CA ARG G 20 45.64 -4.01 30.49
C ARG G 20 46.92 -4.68 29.98
N GLU G 21 46.79 -5.90 29.43
CA GLU G 21 47.95 -6.75 29.06
C GLU G 21 48.74 -6.08 27.91
N ARG G 22 48.17 -5.09 27.21
CA ARG G 22 48.86 -4.40 26.10
C ARG G 22 49.32 -3.00 26.53
N MET G 23 48.97 -2.56 27.74
CA MET G 23 49.26 -1.19 28.22
C MET G 23 50.73 -1.13 28.71
N THR G 24 51.58 -0.37 28.01
CA THR G 24 52.99 -0.10 28.38
C THR G 24 53.03 1.11 29.32
N ALA G 25 54.16 1.31 29.99
CA ALA G 25 54.41 2.44 30.92
C ALA G 25 54.48 3.76 30.12
N GLU G 26 55.00 3.69 28.89
CA GLU G 26 55.17 4.86 27.97
C GLU G 26 53.78 5.33 27.51
N ARG G 27 52.95 4.38 27.09
CA ARG G 27 51.59 4.68 26.59
C ARG G 27 50.72 5.18 27.74
N GLU G 28 50.83 4.57 28.91
CA GLU G 28 50.12 4.97 30.15
C GLU G 28 50.45 6.44 30.42
N ALA G 29 51.73 6.79 30.40
CA ALA G 29 52.26 8.14 30.68
C ALA G 29 51.72 9.12 29.62
N ALA G 30 51.80 8.71 28.34
CA ALA G 30 51.32 9.49 27.18
C ALA G 30 49.82 9.79 27.36
N THR G 31 49.05 8.79 27.77
CA THR G 31 47.58 8.86 27.95
C THR G 31 47.25 9.87 29.04
N HIS G 32 47.92 9.77 30.20
CA HIS G 32 47.70 10.68 31.35
C HIS G 32 48.11 12.11 30.96
N ALA G 33 49.11 12.24 30.09
CA ALA G 33 49.62 13.55 29.60
C ALA G 33 48.53 14.22 28.74
N ALA G 34 47.98 13.47 27.79
CA ALA G 34 46.87 13.89 26.90
C ALA G 34 45.67 14.33 27.75
N LEU G 35 45.24 13.50 28.71
CA LEU G 35 44.10 13.83 29.62
C LEU G 35 44.43 15.11 30.40
N GLY G 36 45.70 15.27 30.79
CA GLY G 36 46.16 16.45 31.55
C GLY G 36 46.03 17.72 30.75
N ARG G 37 46.39 17.65 29.46
CA ARG G 37 46.30 18.79 28.51
C ARG G 37 44.84 19.19 28.31
N VAL G 38 43.97 18.19 28.23
CA VAL G 38 42.49 18.40 28.11
C VAL G 38 42.00 19.13 29.37
N LEU G 39 42.35 18.65 30.56
CA LEU G 39 41.90 19.27 31.84
C LEU G 39 42.34 20.73 31.85
N SER G 40 43.55 21.00 31.39
CA SER G 40 44.16 22.36 31.36
C SER G 40 43.34 23.27 30.45
N ALA G 41 42.97 22.78 29.26
CA ALA G 41 42.14 23.50 28.27
C ALA G 41 40.83 23.96 28.91
N GLY G 42 40.12 23.06 29.60
CA GLY G 42 38.85 23.37 30.29
C GLY G 42 39.06 24.19 31.54
N GLU G 43 40.17 23.95 32.26
CA GLU G 43 40.51 24.65 33.52
C GLU G 43 40.77 26.13 33.22
N ALA G 44 41.57 26.39 32.18
CA ALA G 44 41.93 27.75 31.72
C ALA G 44 40.66 28.57 31.53
N VAL G 45 39.63 27.97 30.92
CA VAL G 45 38.33 28.65 30.62
C VAL G 45 37.67 29.02 31.94
N LEU G 46 37.42 28.03 32.80
CA LEU G 46 36.69 28.22 34.09
C LEU G 46 37.48 29.20 34.96
N SER G 47 38.80 28.99 35.07
CA SER G 47 39.76 29.85 35.82
C SER G 47 39.61 31.31 35.37
N GLY G 48 39.52 31.55 34.06
CA GLY G 48 39.33 32.89 33.46
C GLY G 48 37.92 33.43 33.58
N GLY G 49 37.02 32.74 34.31
CA GLY G 49 35.63 33.15 34.54
C GLY G 49 34.72 32.86 33.36
N GLY G 50 35.10 31.96 32.46
CA GLY G 50 34.31 31.55 31.29
C GLY G 50 33.13 30.69 31.70
N SER G 51 32.23 30.41 30.75
CA SER G 51 30.97 29.64 30.95
C SER G 51 31.30 28.15 31.03
N ALA G 52 30.37 27.38 31.61
CA ALA G 52 30.39 25.90 31.59
C ALA G 52 30.41 25.43 30.13
N LEU G 53 29.70 26.12 29.24
CA LEU G 53 29.62 25.78 27.80
C LEU G 53 31.01 25.92 27.16
N ASP G 54 31.70 27.05 27.41
CA ASP G 54 33.08 27.30 26.90
C ASP G 54 34.00 26.18 27.42
N ALA G 55 33.87 25.81 28.69
CA ALA G 55 34.71 24.80 29.38
C ALA G 55 34.60 23.45 28.66
N VAL G 56 33.37 22.96 28.44
CA VAL G 56 33.13 21.60 27.85
C VAL G 56 33.45 21.64 26.36
N THR G 57 33.22 22.77 25.69
CA THR G 57 33.57 22.96 24.26
C THR G 57 35.09 22.82 24.11
N GLU G 58 35.86 23.59 24.91
CA GLU G 58 37.34 23.64 24.81
C GLU G 58 37.94 22.30 25.21
N ALA G 59 37.45 21.71 26.31
CA ALA G 59 37.85 20.36 26.77
C ALA G 59 37.65 19.35 25.63
N VAL G 60 36.46 19.33 25.02
CA VAL G 60 36.12 18.30 23.98
C VAL G 60 36.93 18.59 22.72
N ALA G 61 37.16 19.85 22.37
CA ALA G 61 38.03 20.26 21.25
C ALA G 61 39.45 19.72 21.48
N ALA G 62 39.95 19.79 22.72
CA ALA G 62 41.26 19.23 23.12
C ALA G 62 41.26 17.70 22.93
N LEU G 63 40.21 17.00 23.38
CA LEU G 63 40.07 15.52 23.24
C LEU G 63 40.00 15.16 21.75
N GLU G 64 39.39 16.01 20.94
CA GLU G 64 39.32 15.83 19.46
C GLU G 64 40.74 15.93 18.90
N ASP G 65 41.52 16.90 19.40
CA ASP G 65 42.89 17.22 18.90
C ASP G 65 43.88 16.10 19.29
N GLU G 66 43.67 15.45 20.42
CA GLU G 66 44.54 14.35 20.93
C GLU G 66 44.32 13.07 20.14
N PRO G 67 45.34 12.52 19.44
CA PRO G 67 45.17 11.34 18.59
C PRO G 67 44.94 10.02 19.35
N LEU G 68 45.14 10.01 20.67
CA LEU G 68 44.94 8.79 21.51
C LEU G 68 43.44 8.55 21.71
N PHE G 69 42.58 9.52 21.42
CA PHE G 69 41.13 9.48 21.76
C PHE G 69 40.30 9.53 20.48
N ASN G 70 39.22 8.74 20.48
CA ASN G 70 38.35 8.44 19.31
C ASN G 70 37.33 9.56 19.15
N ALA G 71 37.82 10.70 18.67
CA ALA G 71 37.06 11.93 18.35
C ALA G 71 38.00 12.85 17.57
N GLY G 72 37.49 13.62 16.61
CA GLY G 72 38.31 14.42 15.69
C GLY G 72 39.49 13.61 15.18
N ARG G 73 40.71 14.02 15.53
CA ARG G 73 41.96 13.34 15.14
C ARG G 73 42.11 12.06 15.98
N GLY G 74 42.42 10.94 15.33
CA GLY G 74 42.47 9.61 15.96
C GLY G 74 41.09 8.99 16.05
N ALA G 75 40.12 9.55 15.30
CA ALA G 75 38.77 8.99 15.08
C ALA G 75 38.94 7.63 14.42
N VAL G 76 38.15 6.66 14.87
CA VAL G 76 38.16 5.28 14.31
C VAL G 76 37.64 5.37 12.88
N PHE G 77 37.83 4.29 12.12
CA PHE G 77 37.41 4.19 10.71
C PHE G 77 36.16 3.30 10.58
N THR G 78 35.32 3.65 9.61
CA THR G 78 34.15 2.85 9.21
C THR G 78 34.62 1.66 8.36
N ARG G 79 33.74 0.69 8.17
CA ARG G 79 33.95 -0.49 7.30
C ARG G 79 34.60 -0.03 5.98
N ASP G 80 34.17 1.10 5.45
CA ASP G 80 34.62 1.64 4.13
C ASP G 80 35.77 2.63 4.29
N GLY G 81 36.52 2.56 5.40
CA GLY G 81 37.81 3.26 5.57
C GLY G 81 37.69 4.77 5.56
N LYS G 82 36.57 5.29 6.06
CA LYS G 82 36.31 6.76 6.19
C LYS G 82 35.95 7.05 7.65
N HIS G 83 35.84 8.34 7.99
CA HIS G 83 35.38 8.82 9.31
C HIS G 83 33.97 9.36 9.19
N GLU G 84 33.11 9.02 10.14
CA GLU G 84 31.78 9.62 10.35
C GLU G 84 31.74 10.05 11.81
N MET G 85 31.70 11.36 12.06
CA MET G 85 31.90 11.93 13.41
C MET G 85 30.62 12.59 13.87
N ASP G 86 30.22 12.32 15.10
CA ASP G 86 29.00 12.83 15.74
C ASP G 86 29.45 13.68 16.92
N ALA G 87 28.70 14.71 17.28
CA ALA G 87 29.01 15.56 18.44
C ALA G 87 27.74 16.25 18.92
N ALA G 88 27.71 16.65 20.18
CA ALA G 88 26.58 17.41 20.78
C ALA G 88 27.11 18.27 21.92
N VAL G 89 26.46 19.40 22.13
CA VAL G 89 26.60 20.23 23.35
C VAL G 89 25.20 20.41 23.91
N MET G 90 25.08 20.66 25.20
CA MET G 90 23.80 21.01 25.85
C MET G 90 24.12 21.89 27.05
N VAL G 91 23.36 22.97 27.21
CA VAL G 91 23.49 23.94 28.33
C VAL G 91 22.31 23.72 29.26
N GLY G 92 22.59 23.50 30.55
CA GLY G 92 21.58 23.08 31.53
C GLY G 92 20.64 24.20 31.95
N ARG G 93 20.96 25.46 31.64
CA ARG G 93 20.16 26.63 32.10
C ARG G 93 18.77 26.59 31.46
N ASP G 94 18.70 26.28 30.17
CA ASP G 94 17.45 26.35 29.35
C ASP G 94 17.28 25.07 28.53
N ARG G 95 18.09 24.04 28.80
CA ARG G 95 18.21 22.81 27.98
C ARG G 95 18.43 23.15 26.50
N SER G 96 19.10 24.26 26.19
CA SER G 96 19.52 24.60 24.79
C SER G 96 20.58 23.58 24.38
N ALA G 97 20.58 23.18 23.11
CA ALA G 97 21.45 22.10 22.61
C ALA G 97 21.72 22.29 21.12
N GLY G 98 22.81 21.71 20.65
CA GLY G 98 23.16 21.56 19.24
C GLY G 98 23.91 20.26 19.06
N ALA G 99 23.72 19.59 17.94
CA ALA G 99 24.36 18.28 17.67
C ALA G 99 24.50 18.08 16.17
N VAL G 100 25.45 17.24 15.79
CA VAL G 100 25.66 16.81 14.38
C VAL G 100 25.94 15.32 14.37
N ALA G 101 25.72 14.66 13.24
CA ALA G 101 25.99 13.23 13.06
C ALA G 101 26.40 12.97 11.60
N GLY G 102 27.40 12.10 11.40
CA GLY G 102 27.82 11.58 10.09
C GLY G 102 28.72 12.53 9.33
N ILE G 103 29.35 13.50 10.01
CA ILE G 103 30.18 14.53 9.33
C ILE G 103 31.64 14.08 9.27
N CYS G 104 32.39 14.70 8.36
CA CYS G 104 33.86 14.57 8.23
C CYS G 104 34.38 15.81 7.49
N GLY G 105 35.41 16.45 8.04
CA GLY G 105 36.01 17.69 7.51
C GLY G 105 36.21 18.71 8.60
N PRO G 106 35.14 19.12 9.33
CA PRO G 106 35.30 20.04 10.45
C PRO G 106 36.35 19.47 11.41
N ARG G 107 37.37 20.27 11.71
CA ARG G 107 38.52 19.89 12.57
C ARG G 107 38.01 19.49 13.95
N ASN G 108 37.00 20.21 14.44
CA ASN G 108 36.45 20.09 15.82
C ASN G 108 34.94 19.95 15.77
N PRO G 109 34.41 18.72 15.49
CA PRO G 109 32.96 18.51 15.43
C PRO G 109 32.20 19.20 16.57
N VAL G 110 32.75 19.23 17.79
CA VAL G 110 32.03 19.82 18.95
C VAL G 110 31.79 21.31 18.69
N ARG G 111 32.67 21.98 17.95
CA ARG G 111 32.50 23.42 17.61
C ARG G 111 31.36 23.58 16.59
N LEU G 112 31.14 22.58 15.74
CA LEU G 112 29.97 22.55 14.82
C LEU G 112 28.70 22.31 15.63
N ALA G 113 28.69 21.30 16.50
CA ALA G 113 27.55 21.03 17.40
C ALA G 113 27.14 22.34 18.07
N ARG G 114 28.11 23.11 18.55
CA ARG G 114 27.86 24.40 19.24
C ARG G 114 27.33 25.44 18.23
N ALA G 115 27.90 25.48 17.02
CA ALA G 115 27.46 26.40 15.94
C ALA G 115 25.98 26.15 15.63
N VAL G 116 25.57 24.88 15.57
CA VAL G 116 24.15 24.48 15.38
C VAL G 116 23.31 25.13 16.49
N MET G 117 23.66 24.90 17.75
CA MET G 117 22.89 25.46 18.90
C MET G 117 22.75 26.99 18.74
N GLU G 118 23.84 27.68 18.42
CA GLU G 118 23.94 29.16 18.55
C GLU G 118 23.41 29.86 17.29
N ARG G 119 23.49 29.22 16.12
CA ARG G 119 23.15 29.85 14.82
C ARG G 119 21.78 29.41 14.31
N THR G 120 21.25 28.27 14.76
CA THR G 120 19.95 27.73 14.30
C THR G 120 19.03 27.53 15.51
N SER G 121 17.78 27.20 15.24
CA SER G 121 16.74 26.86 16.24
C SER G 121 16.66 25.33 16.40
N HIS G 122 17.56 24.59 15.75
CA HIS G 122 17.62 23.11 15.71
C HIS G 122 18.57 22.57 16.79
N VAL G 123 18.38 21.32 17.21
CA VAL G 123 19.22 20.63 18.23
C VAL G 123 19.90 19.40 17.61
N LEU G 124 19.72 19.14 16.32
CA LEU G 124 20.39 18.02 15.63
C LEU G 124 20.35 18.26 14.13
N MET G 125 21.50 18.16 13.45
CA MET G 125 21.59 18.34 11.98
C MET G 125 22.57 17.33 11.40
N ILE G 126 22.34 16.92 10.17
CA ILE G 126 23.13 15.84 9.49
C ILE G 126 23.52 16.29 8.08
N GLY G 127 24.41 15.52 7.46
CA GLY G 127 24.85 15.68 6.06
C GLY G 127 25.30 17.09 5.74
N GLU G 128 25.01 17.54 4.52
CA GLU G 128 25.54 18.77 3.90
C GLU G 128 24.96 19.99 4.61
N GLY G 129 23.75 19.90 5.15
CA GLY G 129 23.13 20.99 5.91
C GLY G 129 23.97 21.35 7.12
N ALA G 130 24.49 20.35 7.83
CA ALA G 130 25.37 20.49 9.00
C ALA G 130 26.68 21.16 8.58
N LEU G 131 27.28 20.70 7.47
CA LEU G 131 28.56 21.26 6.94
C LEU G 131 28.34 22.71 6.52
N GLY G 132 27.18 23.04 5.98
CA GLY G 132 26.84 24.42 5.59
C GLY G 132 26.90 25.36 6.79
N ILE G 133 26.53 24.88 7.98
CA ILE G 133 26.56 25.69 9.23
C ILE G 133 28.02 25.90 9.65
N ALA G 134 28.83 24.84 9.56
CA ALA G 134 30.29 24.88 9.82
C ALA G 134 30.88 26.04 9.00
N ARG G 135 30.61 26.06 7.69
CA ARG G 135 31.15 27.06 6.75
C ARG G 135 30.66 28.45 7.15
N ASP G 136 29.38 28.59 7.44
CA ASP G 136 28.78 29.87 7.89
C ASP G 136 29.52 30.34 9.14
N ALA G 137 29.77 29.43 10.08
CA ALA G 137 30.39 29.73 11.40
C ALA G 137 31.90 29.94 11.25
N GLY G 138 32.44 29.70 10.04
CA GLY G 138 33.85 29.88 9.71
C GLY G 138 34.73 28.88 10.44
N LEU G 139 34.18 27.70 10.74
CA LEU G 139 34.93 26.65 11.48
C LEU G 139 36.01 26.07 10.59
N ALA G 140 37.08 25.54 11.19
CA ALA G 140 38.25 24.98 10.49
C ALA G 140 37.87 23.63 9.92
N PHE G 141 38.21 23.39 8.65
CA PHE G 141 38.15 22.09 7.97
C PHE G 141 39.59 21.55 7.82
N GLU G 142 39.72 20.24 7.82
CA GLU G 142 40.99 19.50 7.66
C GLU G 142 40.78 18.41 6.60
N ASP G 143 41.87 17.99 5.98
CA ASP G 143 41.91 16.84 5.04
C ASP G 143 41.86 15.54 5.85
N ASP G 144 41.60 14.41 5.17
CA ASP G 144 41.41 13.08 5.79
C ASP G 144 42.71 12.64 6.48
N ALA G 145 43.85 13.12 5.98
CA ALA G 145 45.20 12.81 6.53
C ALA G 145 45.29 13.33 7.96
N TYR G 146 44.83 14.55 8.24
CA TYR G 146 44.85 15.15 9.60
C TYR G 146 44.23 14.18 10.62
N PHE G 147 43.10 13.57 10.28
CA PHE G 147 42.27 12.72 11.19
C PHE G 147 42.90 11.33 11.30
N PHE G 148 43.56 10.90 10.23
CA PHE G 148 44.20 9.55 10.12
C PHE G 148 45.23 9.40 11.24
N THR G 149 45.22 8.25 11.91
CA THR G 149 46.30 7.77 12.79
C THR G 149 46.54 6.30 12.45
N GLN G 150 47.81 5.91 12.31
CA GLN G 150 48.20 4.56 11.85
C GLN G 150 47.49 3.50 12.70
N GLU G 151 47.42 3.68 14.02
CA GLU G 151 46.89 2.69 14.99
C GLU G 151 45.42 2.39 14.66
N ARG G 152 44.63 3.41 14.37
CA ARG G 152 43.20 3.26 14.07
C ARG G 152 43.07 2.52 12.74
N TRP G 153 43.89 2.90 11.75
CA TRP G 153 43.87 2.28 10.42
C TRP G 153 44.17 0.78 10.55
N ASP G 154 45.18 0.42 11.33
CA ASP G 154 45.60 -0.98 11.60
C ASP G 154 44.48 -1.69 12.38
N SER G 155 43.84 -0.99 13.31
CA SER G 155 42.69 -1.50 14.11
C SER G 155 41.58 -1.96 13.15
N LEU G 156 41.26 -1.15 12.14
CA LEU G 156 40.24 -1.47 11.11
C LEU G 156 40.67 -2.72 10.34
N GLN G 157 41.89 -2.72 9.80
CA GLN G 157 42.44 -3.80 8.92
C GLN G 157 42.44 -5.11 9.71
N GLU G 158 42.87 -5.07 10.97
CA GLU G 158 42.86 -6.23 11.90
C GLU G 158 41.40 -6.65 12.14
N THR G 159 40.50 -5.71 12.44
CA THR G 159 39.06 -6.00 12.72
C THR G 159 38.44 -6.68 11.49
N LEU G 160 38.71 -6.18 10.28
CA LEU G 160 38.18 -6.73 9.01
C LEU G 160 38.78 -8.12 8.77
N ARG G 161 40.06 -8.31 9.06
CA ARG G 161 40.79 -9.60 8.91
C ARG G 161 40.14 -10.68 9.77
N MET G 162 39.64 -10.32 10.96
CA MET G 162 39.03 -11.26 11.94
C MET G 162 37.52 -11.45 11.66
N GLU G 163 37.04 -11.15 10.44
CA GLU G 163 35.62 -11.35 10.03
C GLU G 163 35.58 -12.13 8.70
N THR H 1 34.70 7.62 21.52
CA THR H 1 33.82 8.67 22.10
C THR H 1 34.58 9.40 23.20
N VAL H 2 34.48 10.72 23.23
CA VAL H 2 35.13 11.60 24.24
C VAL H 2 34.04 12.53 24.74
N GLY H 3 34.22 13.16 25.89
CA GLY H 3 33.21 14.08 26.42
C GLY H 3 33.70 14.83 27.64
N ALA H 4 32.94 15.83 28.07
CA ALA H 4 33.25 16.69 29.22
C ALA H 4 31.94 17.23 29.80
N VAL H 5 31.91 17.37 31.12
CA VAL H 5 30.80 18.02 31.85
C VAL H 5 31.43 19.03 32.77
N ALA H 6 30.81 20.18 32.97
CA ALA H 6 31.39 21.27 33.77
C ALA H 6 30.30 21.91 34.63
N ARG H 7 30.71 22.40 35.79
CA ARG H 7 29.87 23.21 36.68
C ARG H 7 30.65 24.49 36.98
N ASP H 8 30.09 25.66 36.67
CA ASP H 8 30.78 26.93 36.96
C ASP H 8 30.52 27.31 38.42
N ALA H 9 31.09 28.43 38.87
CA ALA H 9 31.08 28.92 40.26
C ALA H 9 29.65 29.21 40.73
N GLU H 10 28.73 29.52 39.81
CA GLU H 10 27.30 29.84 40.10
C GLU H 10 26.45 28.55 40.06
N GLY H 11 27.05 27.41 39.71
CA GLY H 11 26.38 26.10 39.71
C GLY H 11 25.72 25.81 38.37
N ARG H 12 26.03 26.60 37.33
CA ARG H 12 25.49 26.39 35.97
C ARG H 12 26.23 25.21 35.33
N LEU H 13 25.48 24.31 34.71
CA LEU H 13 26.02 23.06 34.11
C LEU H 13 26.02 23.17 32.59
N ALA H 14 26.86 22.35 31.96
CA ALA H 14 26.87 22.10 30.52
C ALA H 14 27.52 20.74 30.31
N ALA H 15 27.26 20.12 29.17
CA ALA H 15 27.87 18.83 28.79
C ALA H 15 28.17 18.90 27.30
N ALA H 16 29.21 18.19 26.86
CA ALA H 16 29.56 18.09 25.43
C ALA H 16 30.11 16.70 25.19
N THR H 17 29.84 16.17 24.02
CA THR H 17 30.29 14.83 23.60
C THR H 17 30.70 14.93 22.13
N SER H 18 31.72 14.18 21.74
CA SER H 18 32.19 14.08 20.35
C SER H 18 32.69 12.65 20.16
N THR H 19 32.55 12.10 18.96
CA THR H 19 32.97 10.71 18.67
C THR H 19 33.29 10.57 17.18
N GLY H 20 34.19 9.66 16.86
CA GLY H 20 34.43 9.17 15.49
C GLY H 20 33.67 7.88 15.27
N GLY H 21 32.94 7.46 16.30
CA GLY H 21 31.98 6.34 16.25
C GLY H 21 32.60 5.04 16.73
N MET H 22 32.77 4.08 15.83
CA MET H 22 33.04 2.67 16.18
C MET H 22 33.85 2.02 15.06
N THR H 23 34.90 1.25 15.37
CA THR H 23 35.81 0.68 14.35
C THR H 23 35.03 -0.33 13.51
N ALA H 24 35.15 -0.23 12.19
CA ALA H 24 34.47 -1.09 11.18
C ALA H 24 32.95 -0.93 11.28
N LYS H 25 32.49 0.23 11.76
CA LYS H 25 31.06 0.63 11.81
C LYS H 25 30.47 0.58 10.41
N ARG H 26 29.19 0.24 10.29
CA ARG H 26 28.38 0.37 9.06
C ARG H 26 28.18 1.86 8.77
N ALA H 27 28.52 2.31 7.56
CA ALA H 27 28.26 3.68 7.08
C ALA H 27 26.78 4.00 7.32
N GLY H 28 26.49 5.10 8.01
CA GLY H 28 25.13 5.59 8.29
C GLY H 28 24.73 5.39 9.74
N ARG H 29 25.41 4.52 10.49
CA ARG H 29 25.04 4.21 11.90
C ARG H 29 25.25 5.47 12.76
N VAL H 30 24.26 5.80 13.58
CA VAL H 30 24.30 6.93 14.56
C VAL H 30 24.13 6.31 15.94
N GLY H 31 25.03 6.63 16.88
CA GLY H 31 24.97 6.18 18.27
C GLY H 31 24.30 7.22 19.16
N ASP H 32 24.61 7.19 20.44
CA ASP H 32 23.95 7.98 21.52
C ASP H 32 24.54 9.40 21.62
N SER H 33 25.78 9.59 21.16
CA SER H 33 26.57 10.82 21.44
C SER H 33 25.81 12.07 21.02
N PRO H 34 25.26 12.13 19.77
CA PRO H 34 24.61 13.35 19.27
C PRO H 34 23.12 13.50 19.64
N VAL H 35 22.57 12.55 20.41
CA VAL H 35 21.13 12.48 20.78
C VAL H 35 20.98 12.94 22.22
N ILE H 36 20.47 14.16 22.44
CA ILE H 36 20.28 14.68 23.82
C ILE H 36 19.26 13.80 24.53
N GLY H 37 19.51 13.48 25.80
CA GLY H 37 18.71 12.53 26.59
C GLY H 37 19.25 11.11 26.51
N ALA H 38 20.11 10.80 25.53
CA ALA H 38 20.76 9.48 25.39
C ALA H 38 22.22 9.55 25.89
N GLY H 39 23.11 10.12 25.08
CA GLY H 39 24.56 10.18 25.34
C GLY H 39 25.03 11.53 25.87
N THR H 40 24.27 12.59 25.60
CA THR H 40 24.61 13.97 26.07
C THR H 40 23.40 14.52 26.81
N PHE H 41 23.60 15.28 27.88
CA PHE H 41 22.47 15.85 28.66
C PHE H 41 22.98 16.89 29.66
N ALA H 42 22.19 17.94 29.87
CA ALA H 42 22.48 18.99 30.87
C ALA H 42 21.18 19.69 31.28
N ASP H 43 20.93 19.73 32.59
CA ASP H 43 19.85 20.51 33.24
C ASP H 43 20.38 20.99 34.60
N ASP H 44 20.38 22.30 34.82
CA ASP H 44 20.95 22.96 36.03
C ASP H 44 20.15 22.53 37.27
N GLY H 45 18.97 21.94 37.10
CA GLY H 45 18.14 21.45 38.21
C GLY H 45 18.60 20.09 38.72
N THR H 46 19.40 19.36 37.94
CA THR H 46 19.81 17.97 38.24
C THR H 46 21.31 17.76 38.00
N CYS H 47 21.70 17.52 36.75
CA CYS H 47 23.06 17.07 36.38
C CYS H 47 23.37 17.37 34.91
N ALA H 48 24.66 17.29 34.58
CA ALA H 48 25.20 17.24 33.20
C ALA H 48 25.84 15.86 33.01
N ILE H 49 25.64 15.24 31.85
CA ILE H 49 26.08 13.84 31.56
C ILE H 49 26.71 13.80 30.17
N SER H 50 27.79 13.05 30.05
CA SER H 50 28.41 12.63 28.76
C SER H 50 28.73 11.14 28.87
N ALA H 51 28.19 10.34 27.96
CA ALA H 51 28.26 8.86 28.04
C ALA H 51 29.24 8.35 27.00
N THR H 52 29.71 7.12 27.19
CA THR H 52 30.53 6.34 26.23
C THR H 52 30.21 4.85 26.38
N GLY H 53 30.04 4.13 25.27
CA GLY H 53 29.73 2.69 25.27
C GLY H 53 28.85 2.31 24.09
N ASP H 54 28.19 1.15 24.17
CA ASP H 54 27.32 0.59 23.09
C ASP H 54 26.17 1.57 22.86
N GLY H 55 26.32 2.44 21.87
CA GLY H 55 25.39 3.54 21.56
C GLY H 55 23.94 3.11 21.53
N GLU H 56 23.65 1.94 20.95
CA GLU H 56 22.27 1.41 20.78
C GLU H 56 21.62 1.21 22.15
N ALA H 57 22.33 0.60 23.11
CA ALA H 57 21.86 0.37 24.49
C ALA H 57 21.54 1.72 25.17
N PHE H 58 22.40 2.72 24.97
CA PHE H 58 22.25 4.07 25.56
C PHE H 58 21.04 4.78 24.94
N LEU H 59 20.78 4.55 23.64
CA LEU H 59 19.62 5.12 22.91
C LEU H 59 18.33 4.46 23.40
N ARG H 60 18.33 3.12 23.51
CA ARG H 60 17.13 2.31 23.86
C ARG H 60 16.68 2.61 25.30
N LEU H 61 17.63 2.83 26.21
CA LEU H 61 17.35 3.10 27.66
C LEU H 61 17.24 4.59 27.93
N SER H 62 17.63 5.44 26.97
CA SER H 62 17.72 6.92 27.14
C SER H 62 18.47 7.21 28.44
N VAL H 63 19.70 6.70 28.53
CA VAL H 63 20.50 6.61 29.79
C VAL H 63 20.59 7.99 30.45
N ALA H 64 21.02 9.01 29.72
CA ALA H 64 21.24 10.35 30.28
C ALA H 64 19.91 10.86 30.89
N HIS H 65 18.81 10.74 30.15
CA HIS H 65 17.47 11.23 30.59
C HIS H 65 16.96 10.40 31.78
N GLU H 66 17.13 9.08 31.74
CA GLU H 66 16.73 8.18 32.86
C GLU H 66 17.34 8.69 34.17
N ILE H 67 18.61 9.11 34.13
CA ILE H 67 19.34 9.59 35.34
C ILE H 67 18.71 10.92 35.78
N ASP H 68 18.44 11.84 34.85
CA ASP H 68 17.73 13.13 35.12
C ASP H 68 16.35 12.83 35.71
N ALA H 69 15.63 11.84 35.18
CA ALA H 69 14.27 11.46 35.60
C ALA H 69 14.33 10.93 37.04
N ARG H 70 15.27 10.03 37.33
CA ARG H 70 15.39 9.39 38.65
C ARG H 70 15.70 10.46 39.70
N MET H 71 16.55 11.43 39.36
CA MET H 71 16.88 12.55 40.28
C MET H 71 15.62 13.37 40.54
N ARG H 72 14.87 13.74 39.50
CA ARG H 72 13.69 14.65 39.60
C ARG H 72 12.48 13.94 40.23
N LEU H 73 12.19 12.70 39.83
CA LEU H 73 10.89 12.04 40.11
C LEU H 73 10.96 11.25 41.43
N ARG H 74 12.13 10.67 41.76
CA ARG H 74 12.32 9.86 42.99
C ARG H 74 13.24 10.58 43.98
N GLY H 75 13.74 11.77 43.64
CA GLY H 75 14.65 12.56 44.48
C GLY H 75 15.99 11.86 44.71
N GLU H 76 16.38 10.91 43.85
CA GLU H 76 17.68 10.20 43.96
C GLU H 76 18.82 11.19 43.78
N SER H 77 19.98 10.85 44.36
CA SER H 77 21.29 11.51 44.14
C SER H 77 21.80 11.11 42.75
N LEU H 78 22.65 11.95 42.14
CA LEU H 78 23.28 11.64 40.83
C LEU H 78 23.99 10.29 40.94
N ARG H 79 24.68 10.05 42.06
CA ARG H 79 25.48 8.82 42.25
C ARG H 79 24.57 7.59 42.23
N SER H 80 23.51 7.62 43.02
CA SER H 80 22.54 6.50 43.18
C SER H 80 21.97 6.13 41.80
N ALA H 81 21.44 7.13 41.09
CA ALA H 81 20.80 7.03 39.76
C ALA H 81 21.83 6.52 38.74
N ALA H 82 22.96 7.21 38.59
CA ALA H 82 23.99 6.93 37.56
C ALA H 82 24.52 5.50 37.75
N GLU H 83 24.76 5.10 39.01
CA GLU H 83 25.36 3.78 39.35
C GLU H 83 24.34 2.68 39.03
N ALA H 84 23.07 2.92 39.38
CA ALA H 84 21.93 2.00 39.10
C ALA H 84 21.79 1.77 37.59
N VAL H 85 21.79 2.83 36.77
CA VAL H 85 21.60 2.75 35.29
C VAL H 85 22.79 2.03 34.64
N ILE H 86 24.03 2.41 34.98
CA ILE H 86 25.26 1.83 34.36
C ILE H 86 25.49 0.42 34.94
N GLY H 87 25.28 0.26 36.25
CA GLY H 87 25.53 -1.01 36.95
C GLY H 87 24.51 -2.08 36.59
N SER H 88 23.22 -1.74 36.63
CA SER H 88 22.08 -2.68 36.56
C SER H 88 21.37 -2.59 35.19
N ASP H 89 20.79 -1.44 34.85
CA ASP H 89 19.92 -1.28 33.65
C ASP H 89 20.74 -1.62 32.40
N LEU H 90 21.96 -1.08 32.28
CA LEU H 90 22.83 -1.23 31.10
C LEU H 90 23.29 -2.69 31.01
N GLU H 91 23.55 -3.34 32.15
CA GLU H 91 23.88 -4.78 32.23
C GLU H 91 22.70 -5.59 31.68
N ALA H 92 21.49 -5.32 32.21
CA ALA H 92 20.24 -6.06 31.91
C ALA H 92 19.99 -6.14 30.40
N ILE H 93 20.22 -5.05 29.67
CA ILE H 93 20.01 -4.93 28.19
C ILE H 93 21.25 -5.47 27.45
N GLY H 94 22.29 -5.92 28.17
CA GLY H 94 23.51 -6.55 27.63
C GLY H 94 24.49 -5.53 27.07
N GLY H 95 24.45 -4.28 27.53
CA GLY H 95 25.31 -3.20 27.04
C GLY H 95 26.52 -2.99 27.93
N SER H 96 27.64 -2.55 27.33
CA SER H 96 28.89 -2.12 28.03
C SER H 96 29.06 -0.60 27.87
N GLY H 97 29.70 0.02 28.84
CA GLY H 97 30.09 1.43 28.76
C GLY H 97 30.04 2.10 30.11
N GLY H 98 30.14 3.42 30.09
CA GLY H 98 30.16 4.26 31.29
C GLY H 98 29.76 5.67 30.93
N LEU H 99 30.10 6.60 31.81
CA LEU H 99 29.38 7.88 31.92
C LEU H 99 30.17 8.77 32.88
N ILE H 100 30.45 10.00 32.49
CA ILE H 100 30.90 11.05 33.45
C ILE H 100 29.70 11.94 33.67
N ALA H 101 29.49 12.39 34.91
CA ALA H 101 28.36 13.25 35.26
C ALA H 101 28.74 14.09 36.47
N ILE H 102 28.22 15.31 36.51
CA ILE H 102 28.38 16.27 37.61
C ILE H 102 26.98 16.78 37.96
N ASP H 103 26.58 16.73 39.23
CA ASP H 103 25.26 17.25 39.66
C ASP H 103 25.38 18.76 39.89
N ARG H 104 24.27 19.39 40.27
CA ARG H 104 24.14 20.87 40.40
C ARG H 104 24.91 21.38 41.63
N ASP H 105 25.27 20.47 42.56
CA ASP H 105 26.04 20.78 43.79
C ASP H 105 27.52 20.44 43.59
N GLY H 106 27.90 19.88 42.44
CA GLY H 106 29.31 19.66 42.05
C GLY H 106 29.80 18.25 42.29
N ALA H 107 28.96 17.35 42.84
CA ALA H 107 29.31 15.92 43.01
C ALA H 107 29.65 15.34 41.62
N ILE H 108 30.83 14.76 41.47
CA ILE H 108 31.25 14.09 40.21
C ILE H 108 31.19 12.58 40.40
N VAL H 109 30.59 11.88 39.45
CA VAL H 109 30.55 10.39 39.38
C VAL H 109 31.03 9.99 37.98
N THR H 110 31.79 8.91 37.88
CA THR H 110 32.35 8.39 36.60
C THR H 110 32.20 6.87 36.59
N PRO H 111 30.96 6.35 36.73
CA PRO H 111 30.73 4.90 36.71
C PRO H 111 30.93 4.31 35.31
N TYR H 112 31.40 3.07 35.25
CA TYR H 112 31.55 2.28 34.02
C TYR H 112 31.48 0.81 34.44
N ASN H 113 31.04 -0.07 33.54
CA ASN H 113 30.82 -1.51 33.84
C ASN H 113 31.78 -2.35 33.00
N CYS H 114 32.79 -1.71 32.40
CA CYS H 114 33.73 -2.34 31.42
C CYS H 114 35.18 -2.24 31.95
N GLU H 115 36.14 -2.69 31.15
CA GLU H 115 37.58 -2.81 31.53
C GLU H 115 38.10 -1.50 32.11
N GLY H 116 37.72 -0.37 31.52
CA GLY H 116 38.19 0.95 31.97
C GLY H 116 37.50 2.06 31.21
N MET H 117 37.94 3.29 31.46
CA MET H 117 37.38 4.51 30.85
C MET H 117 38.39 5.64 31.03
N TYR H 118 39.07 6.03 29.94
CA TYR H 118 39.95 7.24 29.92
C TYR H 118 39.15 8.37 30.53
N ARG H 119 39.63 8.98 31.60
CA ARG H 119 38.83 9.99 32.33
C ARG H 119 39.73 10.86 33.20
N GLY H 120 39.18 11.99 33.63
CA GLY H 120 39.84 12.91 34.56
C GLY H 120 38.84 13.90 35.13
N TRP H 121 39.27 14.66 36.12
CA TRP H 121 38.54 15.84 36.64
C TRP H 121 39.57 16.83 37.19
N VAL H 122 39.22 18.12 37.18
CA VAL H 122 40.04 19.22 37.76
C VAL H 122 39.08 20.14 38.51
N LEU H 123 39.43 20.58 39.71
CA LEU H 123 38.58 21.44 40.56
C LEU H 123 39.12 22.87 40.52
N GLY H 124 38.35 23.81 41.09
CA GLY H 124 38.73 25.23 41.25
C GLY H 124 39.89 25.39 42.20
N SER H 125 40.13 24.40 43.06
CA SER H 125 41.30 24.29 43.96
C SER H 125 42.60 24.16 43.15
N GLY H 126 42.51 23.66 41.90
CA GLY H 126 43.68 23.28 41.09
C GLY H 126 43.87 21.79 41.13
N GLU H 127 43.33 21.13 42.17
CA GLU H 127 43.42 19.67 42.41
C GLU H 127 42.87 18.93 41.18
N ARG H 128 43.56 17.89 40.74
CA ARG H 128 43.20 17.14 39.52
C ARG H 128 43.64 15.69 39.67
N GLU H 129 42.94 14.79 38.97
CA GLU H 129 43.32 13.38 38.81
C GLU H 129 42.92 12.92 37.41
N THR H 130 43.62 11.91 36.91
CA THR H 130 43.28 11.22 35.65
C THR H 130 43.35 9.72 35.91
N ALA H 131 42.63 8.92 35.12
CA ALA H 131 42.60 7.46 35.28
C ALA H 131 42.40 6.80 33.92
N ILE H 132 42.72 5.51 33.85
CA ILE H 132 42.44 4.66 32.67
C ILE H 132 41.63 3.46 33.15
N TYR H 133 42.24 2.69 34.05
CA TYR H 133 41.61 1.60 34.82
C TYR H 133 41.32 2.27 36.16
N GLU H 134 42.15 2.00 37.17
CA GLU H 134 41.87 2.42 38.57
C GLU H 134 42.79 3.58 38.94
N ASN H 135 42.34 4.39 39.88
CA ASN H 135 43.18 5.42 40.53
C ASN H 135 42.57 5.60 41.92
N LEU H 136 43.32 5.11 42.91
CA LEU H 136 43.09 5.25 44.37
C LEU H 136 42.52 6.65 44.72
N TYR H 137 43.06 7.72 44.13
CA TYR H 137 42.79 9.12 44.54
C TYR H 137 41.65 9.75 43.72
N PHE H 138 41.03 8.98 42.82
CA PHE H 138 40.04 9.50 41.84
C PHE H 138 38.65 9.63 42.48
N GLN H 139 38.33 8.80 43.49
CA GLN H 139 37.03 8.79 44.21
C GLN H 139 37.30 9.00 45.70
#